data_5HP3
#
_entry.id   5HP3
#
_cell.length_a   81.510
_cell.length_b   107.210
_cell.length_c   120.620
_cell.angle_alpha   90.00
_cell.angle_beta   90.00
_cell.angle_gamma   90.00
#
_symmetry.space_group_name_H-M   'P 21 21 21'
#
loop_
_entity.id
_entity.type
_entity.pdbx_description
1 polymer 'Double-stranded RNA-specific editase 1'
2 polymer "RNA (5'-R(*UP*UP*CP*CP*CP*CP*AP*CP*AP*UP*UP*(8AZ)P*GP*AP*CP*GP*UP*UP*CP*AP*GP*UP*C)-3')"
3 polymer "RNA (5'-R(*GP*AP*CP*UP*GP*AP*AP*CP*GP*AP*CP*CP*AP*AP*UP*GP*UP*GP*GP*GP*GP*AP*A)-3')"
4 non-polymer 'INOSITOL HEXAKISPHOSPHATE'
5 non-polymer 'ZINC ION'
6 water water
#
loop_
_entity_poly.entity_id
_entity_poly.type
_entity_poly.pdbx_seq_one_letter_code
_entity_poly.pdbx_strand_id
1 'polypeptide(L)'
;LHLDQTPSRQPIPSEGLQLHLPQVLADAVSRLVLGKFGDLTDNFSSPHARRKVLAGVVMTTGTDVKDAKVISVSTGTKCI
NGEYMSDRGLALNDCHAEIISRRSLLRFLYTQLELYLNNKDDQKRSIFQKSERGGFRLKENVQFHLYISTSPCGDARIFS
PHEPILEEPADRHPNRKARGQLRTKIESGEGTIPVRSNASIQTWDGVLQGERLLTMSCSDKIARWNVVGIQGSLLSIFVE
PIYFSSIILGSLYHGDHLSRAMYQRISNIEDLPPLYTLNKPLLSGISNAEARQPGKAPNFSVNWTVGDSAIEVINATTGK
DELGRASRLCKHALYCRWMRVHGKVPSHLLRSKITKPNVYHESKLAAKEYQAAKARLFTAFIKAGLGAWVEKPTEQDQFS
LTP
;
A,D
2 'polyribonucleotide' UUCCCCACAUU(8AZ)GACGUUCAGUC B
3 'polyribonucleotide' GACUGAACGACCAAUGUGGGGAA C
#
# COMPACT_ATOMS: atom_id res chain seq x y z
N ARG A 9 8.32 25.00 -12.06
CA ARG A 9 9.57 24.26 -12.04
C ARG A 9 10.04 23.87 -10.62
N GLN A 10 9.10 23.33 -9.84
CA GLN A 10 9.38 22.76 -8.51
C GLN A 10 8.62 21.43 -8.38
N PRO A 11 9.32 20.36 -7.93
CA PRO A 11 8.76 19.00 -7.77
C PRO A 11 7.36 18.93 -7.16
N ILE A 12 6.53 18.04 -7.73
CA ILE A 12 5.17 17.76 -7.27
C ILE A 12 5.13 16.40 -6.57
N PRO A 13 5.00 16.39 -5.22
CA PRO A 13 5.02 15.16 -4.38
C PRO A 13 3.92 14.12 -4.69
N SER A 14 4.18 12.84 -4.40
CA SER A 14 3.32 11.74 -4.85
C SER A 14 2.04 11.43 -4.05
N GLU A 15 2.12 10.41 -3.19
CA GLU A 15 0.96 9.88 -2.48
C GLU A 15 0.72 10.43 -1.06
N GLY A 16 0.07 9.60 -0.23
CA GLY A 16 -0.29 9.95 1.14
C GLY A 16 0.54 9.43 2.31
N LEU A 17 1.79 9.07 2.03
CA LEU A 17 2.82 8.78 3.02
C LEU A 17 4.13 8.77 2.19
N GLN A 18 4.99 9.74 2.48
CA GLN A 18 6.20 10.07 1.71
C GLN A 18 7.46 9.28 2.11
N LEU A 19 7.90 8.40 1.21
CA LEU A 19 8.94 7.45 1.53
C LEU A 19 10.38 7.89 1.20
N HIS A 20 10.58 8.70 0.16
CA HIS A 20 11.91 9.26 -0.11
C HIS A 20 11.93 10.80 -0.11
N LEU A 21 13.13 11.37 -0.01
CA LEU A 21 13.32 12.81 -0.22
C LEU A 21 13.28 13.09 -1.71
N PRO A 22 12.42 14.03 -2.13
CA PRO A 22 12.22 14.33 -3.54
C PRO A 22 13.49 14.63 -4.33
N GLN A 23 14.17 15.72 -3.98
CA GLN A 23 15.25 16.23 -4.80
C GLN A 23 16.45 15.32 -4.72
N VAL A 24 16.62 14.68 -3.57
CA VAL A 24 17.69 13.70 -3.40
C VAL A 24 17.46 12.55 -4.35
N LEU A 25 16.20 12.11 -4.45
CA LEU A 25 15.85 11.02 -5.35
C LEU A 25 16.06 11.39 -6.81
N ALA A 26 15.60 12.57 -7.19
CA ALA A 26 15.74 13.03 -8.57
C ALA A 26 17.22 13.09 -8.96
N ASP A 27 17.99 13.86 -8.19
CA ASP A 27 19.42 13.99 -8.44
C ASP A 27 20.08 12.61 -8.46
N ALA A 28 19.57 11.72 -7.60
CA ALA A 28 20.08 10.36 -7.50
C ALA A 28 19.88 9.58 -8.78
N VAL A 29 18.64 9.45 -9.24
CA VAL A 29 18.38 8.63 -10.42
C VAL A 29 18.97 9.26 -11.68
N SER A 30 19.04 10.58 -11.73
CA SER A 30 19.66 11.24 -12.87
C SER A 30 21.17 10.90 -12.92
N ARG A 31 21.81 11.05 -11.77
CA ARG A 31 23.23 10.75 -11.65
C ARG A 31 23.47 9.33 -12.08
N LEU A 32 22.63 8.44 -11.55
CA LEU A 32 22.81 7.02 -11.76
C LEU A 32 22.67 6.63 -13.22
N VAL A 33 21.56 7.03 -13.83
CA VAL A 33 21.26 6.66 -15.21
C VAL A 33 22.32 7.18 -16.16
N LEU A 34 22.63 8.46 -15.99
CA LEU A 34 23.63 9.10 -16.81
C LEU A 34 25.01 8.40 -16.62
N GLY A 35 25.31 8.04 -15.37
CA GLY A 35 26.53 7.32 -15.07
C GLY A 35 26.64 5.93 -15.67
N LYS A 36 25.59 5.13 -15.57
CA LYS A 36 25.60 3.78 -16.13
C LYS A 36 25.69 3.89 -17.65
N PHE A 37 25.08 4.92 -18.24
CA PHE A 37 25.28 5.17 -19.67
C PHE A 37 26.76 5.45 -19.92
N GLY A 38 27.39 6.15 -18.98
CA GLY A 38 28.81 6.41 -19.08
C GLY A 38 29.59 5.12 -19.14
N ASP A 39 29.40 4.25 -18.15
CA ASP A 39 30.11 2.97 -18.08
C ASP A 39 29.91 2.16 -19.35
N LEU A 40 28.69 2.26 -19.89
CA LEU A 40 28.34 1.52 -21.10
C LEU A 40 28.97 2.12 -22.35
N THR A 41 29.48 3.35 -22.27
CA THR A 41 30.06 3.93 -23.49
C THR A 41 31.53 4.29 -23.34
N ASP A 42 32.22 3.58 -22.45
CA ASP A 42 33.64 3.82 -22.23
C ASP A 42 33.86 5.33 -22.01
N ASN A 43 33.12 5.85 -21.05
CA ASN A 43 33.08 7.26 -20.66
C ASN A 43 32.71 8.25 -21.80
N PHE A 44 31.57 8.00 -22.44
CA PHE A 44 30.98 8.90 -23.44
C PHE A 44 31.85 9.10 -24.70
N SER A 45 32.88 8.26 -24.82
CA SER A 45 33.81 8.32 -25.94
C SER A 45 33.42 7.34 -27.06
N SER A 46 32.55 6.39 -26.74
CA SER A 46 32.13 5.32 -27.64
C SER A 46 31.57 5.82 -28.97
N PRO A 47 31.61 4.98 -30.02
CA PRO A 47 31.01 5.45 -31.29
C PRO A 47 29.54 5.86 -31.17
N HIS A 48 28.80 5.11 -30.38
CA HIS A 48 27.37 5.31 -30.28
C HIS A 48 26.99 6.10 -29.04
N ALA A 49 27.96 6.80 -28.48
CA ALA A 49 27.71 7.59 -27.29
C ALA A 49 27.01 8.91 -27.64
N ARG A 50 27.02 9.28 -28.92
CA ARG A 50 26.29 10.49 -29.34
C ARG A 50 24.78 10.32 -29.04
N ARG A 51 24.13 11.39 -28.63
CA ARG A 51 22.72 11.31 -28.26
C ARG A 51 22.08 12.68 -28.26
N LYS A 52 20.75 12.72 -28.34
CA LYS A 52 19.99 13.97 -28.27
C LYS A 52 19.17 13.90 -27.01
N VAL A 53 18.59 12.72 -26.82
CA VAL A 53 17.82 12.39 -25.66
C VAL A 53 18.24 11.08 -25.01
N LEU A 54 18.38 11.09 -23.69
CA LEU A 54 18.68 9.90 -22.91
C LEU A 54 17.54 9.56 -21.96
N ALA A 55 17.28 8.27 -21.79
CA ALA A 55 16.31 7.83 -20.81
C ALA A 55 16.85 6.61 -20.07
N GLY A 56 16.20 6.30 -18.96
CA GLY A 56 16.60 5.17 -18.15
C GLY A 56 15.56 4.90 -17.09
N VAL A 57 15.60 3.69 -16.55
CA VAL A 57 14.72 3.32 -15.45
C VAL A 57 15.53 2.86 -14.26
N VAL A 58 15.16 3.32 -13.08
CA VAL A 58 15.89 2.91 -11.89
C VAL A 58 14.96 2.19 -10.96
N MET A 59 15.45 1.15 -10.31
CA MET A 59 14.67 0.43 -9.32
C MET A 59 15.18 0.78 -7.92
N THR A 60 14.27 0.95 -6.97
CA THR A 60 14.69 1.08 -5.57
C THR A 60 14.07 -0.05 -4.77
N THR A 61 14.84 -0.56 -3.81
CA THR A 61 14.45 -1.74 -3.05
C THR A 61 14.18 -1.36 -1.62
N GLY A 62 14.54 -0.14 -1.26
CA GLY A 62 14.34 0.36 0.08
C GLY A 62 14.70 1.83 0.11
N THR A 63 14.63 2.41 1.30
CA THR A 63 14.89 3.83 1.50
C THR A 63 16.37 4.18 1.32
N ASP A 64 17.24 3.20 1.55
CA ASP A 64 18.67 3.40 1.41
C ASP A 64 19.03 3.75 -0.01
N VAL A 65 19.28 5.03 -0.26
CA VAL A 65 19.49 5.52 -1.61
C VAL A 65 20.79 4.99 -2.25
N LYS A 66 21.46 4.06 -1.57
CA LYS A 66 22.53 3.30 -2.20
C LYS A 66 22.04 1.87 -2.48
N ASP A 67 20.77 1.60 -2.21
CA ASP A 67 20.12 0.34 -2.62
C ASP A 67 19.55 0.42 -4.03
N ALA A 68 19.85 1.51 -4.72
CA ALA A 68 19.25 1.74 -6.01
C ALA A 68 20.00 0.93 -7.05
N LYS A 69 19.27 0.42 -8.05
CA LYS A 69 19.88 -0.27 -9.17
C LYS A 69 19.41 0.35 -10.48
N VAL A 70 20.33 0.74 -11.37
CA VAL A 70 19.92 1.14 -12.72
C VAL A 70 19.49 -0.10 -13.52
N ILE A 71 18.22 -0.12 -13.90
CA ILE A 71 17.61 -1.24 -14.61
C ILE A 71 17.78 -1.16 -16.13
N SER A 72 17.58 0.02 -16.70
CA SER A 72 17.62 0.15 -18.14
C SER A 72 18.11 1.52 -18.54
N VAL A 73 18.68 1.60 -19.73
CA VAL A 73 19.19 2.86 -20.25
C VAL A 73 18.93 2.94 -21.78
N SER A 74 18.59 4.13 -22.28
CA SER A 74 18.29 4.26 -23.71
C SER A 74 18.51 5.65 -24.28
N THR A 75 18.69 5.70 -25.60
CA THR A 75 18.77 6.96 -26.33
C THR A 75 18.03 6.86 -27.65
N GLY A 76 17.44 7.95 -28.12
CA GLY A 76 16.77 7.91 -29.41
C GLY A 76 15.65 8.92 -29.53
N THR A 77 15.46 9.43 -30.73
CA THR A 77 14.47 10.48 -30.98
C THR A 77 13.60 10.27 -32.22
N LYS A 78 13.65 9.09 -32.82
CA LYS A 78 13.00 8.93 -34.12
C LYS A 78 12.07 7.74 -34.16
N CYS A 79 11.18 7.76 -35.14
CA CYS A 79 10.26 6.64 -35.33
C CYS A 79 10.50 6.01 -36.68
N ILE A 80 10.07 4.76 -36.80
CA ILE A 80 10.22 3.97 -38.01
C ILE A 80 9.67 4.68 -39.25
N ASN A 81 10.28 4.41 -40.38
CA ASN A 81 9.79 4.85 -41.67
C ASN A 81 8.64 3.95 -42.04
N GLY A 82 7.74 4.42 -42.91
CA GLY A 82 6.58 3.64 -43.29
C GLY A 82 6.92 2.33 -43.98
N GLU A 83 7.81 2.36 -44.98
CA GLU A 83 8.14 1.15 -45.75
C GLU A 83 8.66 0.00 -44.89
N TYR A 84 9.12 0.32 -43.70
CA TYR A 84 9.88 -0.66 -42.96
C TYR A 84 9.06 -1.31 -41.85
N MET A 85 7.77 -1.01 -41.79
CA MET A 85 6.92 -1.73 -40.86
C MET A 85 6.96 -3.24 -41.13
N SER A 86 6.99 -4.05 -40.08
CA SER A 86 7.10 -5.50 -40.24
C SER A 86 5.83 -6.25 -39.87
N ASP A 87 5.39 -7.13 -40.76
CA ASP A 87 4.17 -7.90 -40.56
C ASP A 87 4.48 -9.11 -39.67
N ARG A 88 5.76 -9.40 -39.47
CA ARG A 88 6.15 -10.48 -38.58
C ARG A 88 6.59 -9.91 -37.22
N GLY A 89 6.51 -8.59 -37.07
CA GLY A 89 6.85 -7.94 -35.81
C GLY A 89 8.34 -7.92 -35.44
N LEU A 90 9.18 -7.68 -36.43
CA LEU A 90 10.63 -7.68 -36.20
C LEU A 90 11.15 -6.25 -36.06
N ALA A 91 10.24 -5.29 -36.11
CA ALA A 91 10.65 -3.90 -36.14
C ALA A 91 10.29 -3.18 -34.88
N LEU A 92 11.12 -2.20 -34.53
CA LEU A 92 10.80 -1.28 -33.44
C LEU A 92 10.13 -0.01 -33.98
N ASN A 93 8.82 0.10 -33.81
CA ASN A 93 8.07 1.20 -34.38
C ASN A 93 8.36 2.58 -33.77
N ASP A 94 8.75 2.61 -32.49
CA ASP A 94 8.98 3.88 -31.79
C ASP A 94 10.25 3.80 -30.97
N CYS A 95 11.19 4.71 -31.28
CA CYS A 95 12.53 4.73 -30.68
C CYS A 95 12.86 6.00 -29.90
N HIS A 96 11.85 6.75 -29.49
CA HIS A 96 12.11 7.85 -28.54
C HIS A 96 12.58 7.21 -27.23
N ALA A 97 13.62 7.78 -26.63
CA ALA A 97 14.33 7.15 -25.53
C ALA A 97 13.45 6.51 -24.45
N GLU A 98 12.49 7.26 -23.90
CA GLU A 98 11.73 6.76 -22.75
C GLU A 98 10.87 5.55 -23.17
N ILE A 99 10.41 5.51 -24.42
CA ILE A 99 9.69 4.33 -24.92
C ILE A 99 10.58 3.10 -24.88
N ILE A 100 11.80 3.27 -25.36
CA ILE A 100 12.75 2.17 -25.38
C ILE A 100 13.08 1.74 -23.96
N SER A 101 13.27 2.71 -23.07
CA SER A 101 13.54 2.38 -21.68
C SER A 101 12.43 1.53 -21.08
N ARG A 102 11.17 1.89 -21.34
CA ARG A 102 10.11 1.01 -20.85
C ARG A 102 10.30 -0.40 -21.41
N ARG A 103 10.60 -0.53 -22.71
CA ARG A 103 10.71 -1.88 -23.29
C ARG A 103 11.85 -2.70 -22.62
N SER A 104 12.97 -2.03 -22.37
CA SER A 104 14.08 -2.68 -21.67
C SER A 104 13.65 -3.12 -20.26
N LEU A 105 12.82 -2.30 -19.67
CA LEU A 105 12.27 -2.64 -18.38
C LEU A 105 11.52 -3.97 -18.50
N LEU A 106 10.76 -4.12 -19.59
CA LEU A 106 10.00 -5.35 -19.77
C LEU A 106 10.93 -6.56 -19.77
N ARG A 107 12.03 -6.47 -20.54
CA ARG A 107 12.96 -7.58 -20.55
C ARG A 107 13.39 -7.94 -19.13
N PHE A 108 13.66 -6.91 -18.32
CA PHE A 108 14.01 -7.15 -16.93
C PHE A 108 12.91 -7.87 -16.16
N LEU A 109 11.64 -7.49 -16.37
CA LEU A 109 10.52 -8.14 -15.68
C LEU A 109 10.36 -9.61 -16.04
N TYR A 110 10.49 -9.90 -17.35
CA TYR A 110 10.43 -11.29 -17.82
C TYR A 110 11.52 -12.10 -17.16
N THR A 111 12.74 -11.57 -17.18
CA THR A 111 13.89 -12.21 -16.54
C THR A 111 13.59 -12.50 -15.06
N GLN A 112 13.00 -11.55 -14.35
CA GLN A 112 12.66 -11.76 -12.95
C GLN A 112 11.63 -12.85 -12.74
N LEU A 113 10.68 -12.93 -13.65
CA LEU A 113 9.73 -14.02 -13.54
C LEU A 113 10.41 -15.37 -13.71
N GLU A 114 11.26 -15.45 -14.74
CA GLU A 114 12.04 -16.65 -15.05
C GLU A 114 12.87 -17.07 -13.84
N LEU A 115 13.45 -16.08 -13.18
CA LEU A 115 14.22 -16.29 -11.96
C LEU A 115 13.35 -16.86 -10.83
N TYR A 116 12.16 -16.30 -10.65
CA TYR A 116 11.29 -16.81 -9.61
C TYR A 116 10.96 -18.28 -9.87
N LEU A 117 10.57 -18.60 -11.10
CA LEU A 117 10.08 -19.96 -11.37
C LEU A 117 11.22 -20.95 -11.51
N ASN A 118 12.44 -20.46 -11.59
CA ASN A 118 13.57 -21.36 -11.81
C ASN A 118 13.73 -22.42 -10.70
N ASN A 119 13.91 -21.99 -9.47
CA ASN A 119 13.90 -22.91 -8.34
C ASN A 119 13.55 -22.23 -7.01
N LYS A 120 13.55 -22.98 -5.93
CA LYS A 120 13.09 -22.42 -4.66
C LYS A 120 14.16 -21.55 -4.00
N ASP A 121 15.42 -21.88 -4.20
CA ASP A 121 16.50 -21.10 -3.59
C ASP A 121 16.59 -19.74 -4.28
N ASP A 122 16.06 -19.66 -5.50
CA ASP A 122 16.10 -18.44 -6.29
C ASP A 122 14.90 -17.53 -6.11
N GLN A 123 13.79 -18.07 -5.59
CA GLN A 123 12.59 -17.26 -5.42
C GLN A 123 12.85 -16.10 -4.49
N LYS A 124 13.80 -16.32 -3.59
CA LYS A 124 14.13 -15.34 -2.58
C LYS A 124 14.78 -14.15 -3.25
N ARG A 125 15.37 -14.39 -4.40
CA ARG A 125 16.09 -13.35 -5.12
C ARG A 125 15.24 -12.59 -6.13
N SER A 126 14.11 -13.18 -6.54
CA SER A 126 13.27 -12.52 -7.52
C SER A 126 12.47 -11.42 -6.84
N ILE A 127 12.23 -10.32 -7.55
CA ILE A 127 11.42 -9.23 -7.01
C ILE A 127 9.94 -9.59 -6.92
N PHE A 128 9.51 -10.65 -7.59
CA PHE A 128 8.10 -11.00 -7.58
C PHE A 128 7.79 -11.98 -6.47
N GLN A 129 6.51 -12.07 -6.11
CA GLN A 129 6.00 -13.12 -5.24
C GLN A 129 4.59 -13.49 -5.64
N LYS A 130 4.09 -14.63 -5.16
CA LYS A 130 2.72 -15.01 -5.45
C LYS A 130 1.74 -14.01 -4.86
N SER A 131 0.64 -13.79 -5.56
CA SER A 131 -0.43 -12.96 -5.03
C SER A 131 -1.58 -13.82 -4.57
N GLU A 132 -2.12 -13.43 -3.44
CA GLU A 132 -3.36 -13.97 -2.89
C GLU A 132 -4.46 -14.02 -3.97
N ARG A 133 -4.40 -13.10 -4.92
CA ARG A 133 -5.41 -13.01 -5.96
C ARG A 133 -5.09 -13.89 -7.15
N GLY A 134 -3.96 -14.57 -7.09
CA GLY A 134 -3.49 -15.37 -8.21
C GLY A 134 -2.44 -14.59 -8.97
N GLY A 135 -1.49 -15.31 -9.56
CA GLY A 135 -0.42 -14.68 -10.31
C GLY A 135 0.61 -14.07 -9.39
N PHE A 136 1.37 -13.11 -9.92
CA PHE A 136 2.46 -12.51 -9.17
C PHE A 136 2.28 -11.01 -8.88
N ARG A 137 3.02 -10.51 -7.89
CA ARG A 137 2.99 -9.11 -7.52
C ARG A 137 4.39 -8.72 -7.10
N LEU A 138 4.69 -7.43 -7.14
CA LEU A 138 5.98 -7.00 -6.64
C LEU A 138 6.08 -7.18 -5.14
N LYS A 139 7.29 -7.41 -4.66
CA LYS A 139 7.55 -7.41 -3.24
C LYS A 139 7.38 -5.98 -2.77
N GLU A 140 7.00 -5.86 -1.49
CA GLU A 140 6.44 -4.65 -0.88
C GLU A 140 7.28 -3.37 -0.91
N ASN A 141 8.56 -3.45 -1.22
CA ASN A 141 9.40 -2.26 -1.12
C ASN A 141 9.93 -1.75 -2.45
N VAL A 142 9.66 -2.53 -3.49
CA VAL A 142 10.16 -2.32 -4.84
C VAL A 142 9.44 -1.16 -5.53
N GLN A 143 10.21 -0.20 -6.05
CA GLN A 143 9.65 0.87 -6.88
C GLN A 143 10.45 1.09 -8.16
N PHE A 144 9.80 1.54 -9.23
CA PHE A 144 10.54 1.93 -10.42
C PHE A 144 10.39 3.41 -10.64
N HIS A 145 11.44 4.07 -11.13
CA HIS A 145 11.42 5.50 -11.34
C HIS A 145 11.92 5.76 -12.74
N LEU A 146 11.18 6.58 -13.47
CA LEU A 146 11.51 6.85 -14.86
C LEU A 146 12.29 8.14 -15.03
N TYR A 147 13.36 8.06 -15.81
CA TYR A 147 14.17 9.24 -16.12
C TYR A 147 14.28 9.53 -17.61
N ILE A 148 14.00 10.78 -17.96
CA ILE A 148 14.19 11.27 -19.31
C ILE A 148 15.05 12.51 -19.26
N SER A 149 16.03 12.61 -20.16
CA SER A 149 16.95 13.75 -20.10
C SER A 149 16.25 15.07 -20.48
N THR A 150 15.00 14.97 -20.93
CA THR A 150 14.25 16.12 -21.40
C THR A 150 12.78 15.79 -21.29
N SER A 151 11.90 16.80 -21.37
CA SER A 151 10.45 16.58 -21.31
C SER A 151 9.97 15.79 -22.51
N PRO A 152 9.02 14.86 -22.29
CA PRO A 152 8.45 13.97 -23.31
C PRO A 152 7.71 14.76 -24.36
N CYS A 153 7.85 14.39 -25.62
CA CYS A 153 7.15 15.11 -26.68
C CYS A 153 5.66 14.98 -26.46
N GLY A 154 4.90 15.85 -27.10
CA GLY A 154 3.49 15.91 -26.79
C GLY A 154 3.19 16.97 -25.73
N ASP A 155 2.09 16.76 -24.99
CA ASP A 155 1.48 17.77 -24.13
C ASP A 155 2.45 18.39 -23.11
N ALA A 156 3.37 17.62 -22.56
CA ALA A 156 4.31 18.22 -21.61
C ALA A 156 5.32 19.17 -22.26
N ARG A 157 5.57 19.02 -23.55
CA ARG A 157 6.69 19.75 -24.14
C ARG A 157 6.33 20.70 -25.27
N ILE A 158 5.19 20.50 -25.93
CA ILE A 158 4.90 21.30 -27.13
C ILE A 158 4.80 22.76 -26.77
N PHE A 159 4.06 23.11 -25.72
CA PHE A 159 4.11 24.48 -25.25
C PHE A 159 5.26 24.52 -24.28
N SER A 160 5.91 25.68 -24.23
CA SER A 160 7.16 25.85 -23.52
C SER A 160 8.12 24.67 -23.69
N PRO A 161 8.82 24.62 -24.84
CA PRO A 161 9.88 23.66 -25.15
C PRO A 161 11.20 24.16 -24.58
N HIS A 162 11.18 25.30 -23.92
CA HIS A 162 12.39 25.96 -23.45
C HIS A 162 12.45 25.94 -21.95
N GLU A 163 13.66 26.01 -21.41
CA GLU A 163 13.86 26.04 -19.97
C GLU A 163 12.96 27.09 -19.32
N PRO A 164 12.26 26.72 -18.24
CA PRO A 164 11.47 27.80 -17.66
C PRO A 164 12.45 28.80 -17.14
N ILE A 165 12.11 30.08 -17.20
CA ILE A 165 13.00 31.09 -16.67
C ILE A 165 12.68 31.20 -15.17
N LEU A 166 11.94 30.21 -14.67
CA LEU A 166 11.39 30.15 -13.32
C LEU A 166 10.56 31.41 -13.09
N GLU A 167 10.57 31.93 -11.85
CA GLU A 167 9.65 33.00 -11.43
C GLU A 167 8.22 32.46 -11.40
N GLU A 168 8.10 31.13 -11.59
CA GLU A 168 6.85 30.44 -11.87
C GLU A 168 6.18 31.16 -13.04
N PRO A 169 6.69 30.91 -14.26
CA PRO A 169 6.16 31.55 -15.48
C PRO A 169 4.91 30.84 -15.93
N ALA A 170 4.16 30.24 -14.99
CA ALA A 170 3.00 29.38 -15.27
C ALA A 170 2.24 29.80 -16.52
N ASP A 171 1.67 28.82 -17.20
CA ASP A 171 1.00 29.06 -18.47
C ASP A 171 0.05 30.25 -18.40
N ARG A 172 0.30 31.24 -19.24
CA ARG A 172 -0.58 32.39 -19.30
C ARG A 172 -1.95 32.04 -19.89
N HIS A 173 -2.03 30.90 -20.57
CA HIS A 173 -3.24 30.47 -21.25
C HIS A 173 -3.56 29.01 -21.01
N PRO A 174 -3.82 28.64 -19.77
CA PRO A 174 -4.08 27.23 -19.45
C PRO A 174 -5.38 26.67 -20.00
N ASN A 175 -6.32 27.51 -20.40
CA ASN A 175 -7.61 26.96 -20.82
C ASN A 175 -7.83 26.88 -22.30
N ARG A 176 -6.77 26.87 -23.09
CA ARG A 176 -6.98 26.80 -24.52
C ARG A 176 -7.48 25.41 -24.87
N LYS A 177 -7.95 25.23 -26.09
CA LYS A 177 -8.50 23.95 -26.42
C LYS A 177 -7.30 23.06 -26.59
N ALA A 178 -6.23 23.61 -27.16
CA ALA A 178 -5.01 22.86 -27.45
C ALA A 178 -4.36 22.20 -26.25
N ARG A 179 -4.66 22.65 -25.04
CA ARG A 179 -4.04 22.02 -23.89
C ARG A 179 -4.56 20.62 -23.66
N GLY A 180 -3.68 19.77 -23.13
CA GLY A 180 -3.99 18.37 -22.83
C GLY A 180 -4.41 17.50 -24.00
N GLN A 181 -4.41 18.08 -25.19
CA GLN A 181 -4.90 17.38 -26.37
C GLN A 181 -3.98 16.22 -26.66
N LEU A 182 -4.54 15.08 -27.05
CA LEU A 182 -3.70 13.98 -27.53
C LEU A 182 -2.97 14.41 -28.78
N ARG A 183 -1.73 14.00 -28.90
CA ARG A 183 -0.97 14.36 -30.09
C ARG A 183 -0.13 13.22 -30.59
N THR A 184 0.06 13.19 -31.89
CA THR A 184 0.81 12.12 -32.51
C THR A 184 2.00 12.69 -33.25
N LYS A 185 3.11 11.94 -33.17
CA LYS A 185 4.27 12.08 -34.04
C LYS A 185 3.78 11.80 -35.46
N ILE A 186 4.16 12.67 -36.37
CA ILE A 186 3.81 12.47 -37.76
C ILE A 186 5.05 12.16 -38.62
N GLU A 187 4.97 11.10 -39.42
CA GLU A 187 6.12 10.76 -40.25
C GLU A 187 6.46 11.90 -41.22
N SER A 188 7.74 12.21 -41.37
CA SER A 188 8.19 13.24 -42.31
C SER A 188 7.80 14.66 -41.97
N GLY A 189 7.59 14.97 -40.70
CA GLY A 189 7.26 16.33 -40.32
C GLY A 189 7.60 16.60 -38.86
N GLU A 190 7.81 17.87 -38.55
CA GLU A 190 8.15 18.18 -37.16
C GLU A 190 6.91 18.46 -36.34
N GLY A 191 7.12 18.64 -35.04
CA GLY A 191 6.03 18.81 -34.11
C GLY A 191 5.15 17.61 -33.95
N THR A 192 4.14 17.76 -33.10
CA THR A 192 3.23 16.69 -32.74
C THR A 192 1.81 17.26 -32.79
N ILE A 193 0.92 16.55 -33.47
CA ILE A 193 -0.33 17.20 -33.85
C ILE A 193 -1.55 16.53 -33.25
N PRO A 194 -2.63 17.30 -33.04
CA PRO A 194 -3.86 16.77 -32.48
C PRO A 194 -4.34 15.58 -33.31
N VAL A 195 -5.13 14.70 -32.71
CA VAL A 195 -5.70 13.61 -33.48
C VAL A 195 -7.05 14.04 -34.06
N ARG A 196 -7.60 15.14 -33.55
CA ARG A 196 -8.92 15.55 -33.97
C ARG A 196 -8.91 15.84 -35.47
N SER A 197 -7.77 16.32 -35.96
CA SER A 197 -7.62 16.60 -37.39
C SER A 197 -7.28 15.35 -38.20
N ASN A 198 -6.87 14.28 -37.54
CA ASN A 198 -6.66 12.98 -38.20
C ASN A 198 -7.74 11.92 -37.92
N ALA A 199 -8.98 12.21 -38.33
CA ALA A 199 -10.16 11.50 -37.83
C ALA A 199 -10.27 10.03 -38.20
N SER A 200 -9.74 9.64 -39.36
CA SER A 200 -9.85 8.26 -39.84
C SER A 200 -8.77 7.33 -39.26
N ILE A 201 -8.99 6.03 -39.34
CA ILE A 201 -8.10 5.07 -38.72
C ILE A 201 -6.92 4.76 -39.65
N GLN A 202 -5.79 4.29 -39.11
CA GLN A 202 -4.66 3.97 -39.97
C GLN A 202 -4.86 2.63 -40.67
N THR A 203 -4.30 2.51 -41.87
CA THR A 203 -4.25 1.25 -42.63
C THR A 203 -2.85 0.85 -43.11
N TRP A 204 -2.66 -0.44 -43.39
CA TRP A 204 -1.34 -0.93 -43.80
C TRP A 204 -1.00 -0.40 -45.19
N ASP A 205 -1.89 -0.63 -46.13
CA ASP A 205 -1.62 -0.24 -47.48
C ASP A 205 -1.68 1.26 -47.68
N GLY A 206 -2.38 1.94 -46.78
CA GLY A 206 -2.47 3.38 -46.83
C GLY A 206 -1.13 4.00 -46.45
N VAL A 207 -0.58 3.51 -45.36
CA VAL A 207 0.75 3.90 -44.94
C VAL A 207 1.81 3.56 -45.99
N LEU A 208 1.75 2.34 -46.52
CA LEU A 208 2.72 1.94 -47.55
C LEU A 208 2.64 2.75 -48.81
N GLN A 209 1.46 3.30 -49.09
CA GLN A 209 1.27 4.06 -50.31
C GLN A 209 1.86 5.45 -50.14
N GLY A 210 1.95 5.91 -48.90
CA GLY A 210 2.59 7.18 -48.67
C GLY A 210 1.90 8.03 -47.62
N GLU A 211 0.77 7.55 -47.13
CA GLU A 211 0.11 8.30 -46.07
C GLU A 211 1.04 8.26 -44.87
N ARG A 212 1.12 9.35 -44.14
CA ARG A 212 2.10 9.48 -43.05
C ARG A 212 1.77 8.64 -41.83
N LEU A 213 2.72 7.79 -41.43
CA LEU A 213 2.55 6.97 -40.24
C LEU A 213 2.47 7.79 -38.97
N LEU A 214 1.39 7.60 -38.23
CA LEU A 214 1.16 8.33 -36.98
C LEU A 214 1.51 7.47 -35.79
N THR A 215 2.32 8.03 -34.89
CA THR A 215 2.70 7.33 -33.68
C THR A 215 2.28 8.16 -32.48
N MET A 216 1.65 7.57 -31.45
CA MET A 216 1.21 8.39 -30.31
C MET A 216 2.42 9.06 -29.61
N SER A 217 2.25 10.28 -29.12
CA SER A 217 3.34 11.01 -28.48
C SER A 217 3.77 10.35 -27.18
N CYS A 218 4.95 10.73 -26.70
CA CYS A 218 5.47 10.12 -25.48
C CYS A 218 4.65 10.53 -24.29
N SER A 219 4.17 11.77 -24.30
CA SER A 219 3.36 12.28 -23.21
C SER A 219 2.10 11.46 -23.03
N ASP A 220 1.44 11.20 -24.14
CA ASP A 220 0.22 10.44 -24.12
C ASP A 220 0.51 8.99 -23.70
N LYS A 221 1.62 8.44 -24.19
CA LYS A 221 1.95 7.06 -23.89
C LYS A 221 2.21 6.88 -22.40
N ILE A 222 2.89 7.85 -21.81
CA ILE A 222 3.24 7.76 -20.40
C ILE A 222 2.00 7.91 -19.55
N ALA A 223 1.09 8.83 -19.96
CA ALA A 223 -0.19 8.95 -19.26
C ALA A 223 -0.87 7.59 -19.22
N ARG A 224 -0.82 6.94 -20.38
CA ARG A 224 -1.32 5.61 -20.53
C ARG A 224 -0.65 4.65 -19.54
N TRP A 225 0.66 4.78 -19.36
CA TRP A 225 1.31 3.87 -18.43
C TRP A 225 0.76 4.18 -17.05
N ASN A 226 0.36 5.43 -16.83
CA ASN A 226 -0.16 5.83 -15.52
C ASN A 226 -1.59 5.38 -15.33
N VAL A 227 -2.15 4.73 -16.32
CA VAL A 227 -3.43 4.08 -16.05
C VAL A 227 -3.36 2.56 -16.15
N VAL A 228 -2.88 2.05 -17.28
CA VAL A 228 -2.88 0.60 -17.48
C VAL A 228 -1.59 -0.08 -17.01
N GLY A 229 -0.67 0.70 -16.44
CA GLY A 229 0.54 0.12 -15.88
C GLY A 229 1.62 0.03 -16.93
N ILE A 230 2.86 -0.23 -16.52
CA ILE A 230 3.94 -0.26 -17.50
C ILE A 230 4.28 -1.66 -18.02
N GLN A 231 3.73 -2.70 -17.39
CA GLN A 231 4.06 -4.06 -17.82
C GLN A 231 3.40 -4.43 -19.17
N GLY A 232 2.33 -3.71 -19.53
CA GLY A 232 1.57 -3.99 -20.73
C GLY A 232 0.63 -5.18 -20.68
N SER A 233 -0.08 -5.39 -21.79
CA SER A 233 -1.04 -6.48 -21.90
C SER A 233 -0.46 -7.87 -21.58
N LEU A 234 0.57 -8.29 -22.33
CA LEU A 234 0.99 -9.68 -22.26
C LEU A 234 1.44 -10.06 -20.85
N LEU A 235 2.37 -9.30 -20.28
CA LEU A 235 2.83 -9.53 -18.91
C LEU A 235 1.73 -9.40 -17.85
N SER A 236 0.67 -8.61 -18.15
CA SER A 236 -0.43 -8.46 -17.17
C SER A 236 -1.18 -9.78 -16.98
N ILE A 237 -0.94 -10.74 -17.85
CA ILE A 237 -1.53 -12.05 -17.67
C ILE A 237 -0.81 -12.79 -16.53
N PHE A 238 0.45 -12.45 -16.30
CA PHE A 238 1.21 -13.07 -15.24
C PHE A 238 1.19 -12.26 -13.98
N VAL A 239 1.44 -10.97 -14.13
CA VAL A 239 1.64 -10.11 -12.99
C VAL A 239 0.58 -9.05 -12.84
N GLU A 240 0.48 -8.50 -11.64
CA GLU A 240 -0.45 -7.44 -11.37
C GLU A 240 0.20 -6.13 -11.78
N PRO A 241 -0.62 -5.13 -12.14
CA PRO A 241 -0.19 -3.86 -12.72
C PRO A 241 0.92 -3.18 -11.96
N ILE A 242 1.95 -2.78 -12.67
CA ILE A 242 3.10 -2.12 -12.06
C ILE A 242 3.16 -0.67 -12.51
N TYR A 243 3.37 0.25 -11.57
CA TYR A 243 3.48 1.66 -11.97
C TYR A 243 4.84 2.30 -11.63
N PHE A 244 5.20 3.28 -12.45
CA PHE A 244 6.32 4.17 -12.15
C PHE A 244 5.94 5.01 -10.94
N SER A 245 6.83 5.07 -9.96
CA SER A 245 6.65 5.88 -8.76
C SER A 245 7.06 7.33 -8.97
N SER A 246 7.98 7.56 -9.91
CA SER A 246 8.56 8.89 -10.12
C SER A 246 8.89 9.12 -11.58
N ILE A 247 8.74 10.36 -12.03
CA ILE A 247 9.16 10.71 -13.38
C ILE A 247 10.07 11.91 -13.29
N ILE A 248 11.34 11.68 -13.60
CA ILE A 248 12.37 12.68 -13.43
C ILE A 248 12.82 13.19 -14.79
N LEU A 249 12.92 14.52 -14.91
CA LEU A 249 13.35 15.14 -16.16
C LEU A 249 14.68 15.87 -16.02
N GLY A 250 15.63 15.50 -16.86
CA GLY A 250 16.95 16.11 -16.84
C GLY A 250 16.96 17.52 -17.39
N SER A 251 15.83 17.94 -17.94
CA SER A 251 15.74 19.25 -18.54
C SER A 251 14.31 19.59 -18.95
N LEU A 252 14.08 20.86 -19.24
CA LEU A 252 12.82 21.34 -19.77
C LEU A 252 11.59 21.04 -18.92
N TYR A 253 11.77 21.12 -17.61
CA TYR A 253 10.69 20.83 -16.69
C TYR A 253 9.76 22.03 -16.48
N HIS A 254 8.47 21.80 -16.67
CA HIS A 254 7.46 22.75 -16.29
C HIS A 254 6.42 21.95 -15.55
N GLY A 255 6.30 22.19 -14.25
CA GLY A 255 5.41 21.40 -13.42
C GLY A 255 3.97 21.36 -13.92
N ASP A 256 3.44 22.52 -14.29
CA ASP A 256 2.04 22.62 -14.73
C ASP A 256 1.76 21.72 -15.93
N HIS A 257 2.59 21.87 -16.96
CA HIS A 257 2.46 21.10 -18.19
C HIS A 257 2.69 19.60 -17.95
N LEU A 258 3.73 19.27 -17.18
CA LEU A 258 4.03 17.88 -16.93
C LEU A 258 2.93 17.20 -16.15
N SER A 259 2.45 17.83 -15.08
CA SER A 259 1.35 17.28 -14.30
C SER A 259 0.03 17.12 -15.09
N ARG A 260 -0.35 18.13 -15.88
CA ARG A 260 -1.51 17.99 -16.75
C ARG A 260 -1.34 16.78 -17.66
N ALA A 261 -0.15 16.69 -18.26
CA ALA A 261 0.07 15.67 -19.27
C ALA A 261 0.16 14.27 -18.68
N MET A 262 0.79 14.14 -17.52
CA MET A 262 1.07 12.81 -16.98
C MET A 262 -0.17 12.21 -16.35
N TYR A 263 -1.11 13.04 -15.90
CA TYR A 263 -2.36 12.47 -15.39
C TYR A 263 -3.54 13.39 -15.25
N GLN A 264 -3.30 14.63 -14.85
CA GLN A 264 -4.39 15.46 -14.35
C GLN A 264 -5.46 15.65 -15.43
N ARG A 265 -5.06 15.62 -16.68
CA ARG A 265 -5.97 15.87 -17.80
C ARG A 265 -6.97 14.75 -17.97
N ILE A 266 -6.73 13.59 -17.36
CA ILE A 266 -7.72 12.52 -17.41
C ILE A 266 -8.27 12.12 -16.05
N SER A 267 -8.39 13.07 -15.13
CA SER A 267 -8.87 12.72 -13.78
C SER A 267 -10.36 12.32 -13.80
N ASN A 268 -10.98 12.48 -14.97
CA ASN A 268 -12.36 12.07 -15.17
C ASN A 268 -12.55 10.59 -15.50
N ILE A 269 -11.52 9.79 -15.28
CA ILE A 269 -11.62 8.38 -15.66
C ILE A 269 -12.45 7.58 -14.66
N GLU A 270 -13.30 6.68 -15.15
CA GLU A 270 -14.14 5.89 -14.26
C GLU A 270 -14.22 4.41 -14.67
N ASP A 271 -14.61 3.58 -13.71
CA ASP A 271 -14.80 2.14 -13.93
C ASP A 271 -13.53 1.40 -14.29
N LEU A 272 -12.41 1.78 -13.69
CA LEU A 272 -11.19 1.01 -13.89
C LEU A 272 -11.37 -0.33 -13.22
N PRO A 273 -10.87 -1.39 -13.86
CA PRO A 273 -11.02 -2.73 -13.27
C PRO A 273 -10.12 -2.86 -12.04
N PRO A 274 -10.34 -3.91 -11.23
CA PRO A 274 -9.57 -4.16 -10.01
C PRO A 274 -8.06 -4.08 -10.19
N LEU A 275 -7.43 -3.41 -9.22
CA LEU A 275 -5.99 -3.16 -9.11
C LEU A 275 -5.54 -2.03 -10.03
N TYR A 276 -6.38 -1.62 -10.96
CA TYR A 276 -6.05 -0.50 -11.85
C TYR A 276 -6.53 0.82 -11.25
N THR A 277 -5.78 1.89 -11.52
CA THR A 277 -6.06 3.24 -10.99
C THR A 277 -5.32 4.35 -11.73
N LEU A 278 -5.72 5.58 -11.50
CA LEU A 278 -5.01 6.71 -12.09
C LEU A 278 -3.82 7.08 -11.23
N ASN A 279 -2.66 6.56 -11.61
CA ASN A 279 -1.41 6.76 -10.88
C ASN A 279 -0.92 8.18 -10.96
N LYS A 280 -0.62 8.79 -9.82
CA LYS A 280 -0.03 10.12 -9.89
C LYS A 280 1.34 10.03 -9.23
N PRO A 281 2.38 9.88 -10.07
CA PRO A 281 3.75 9.71 -9.60
C PRO A 281 4.38 11.01 -9.15
N LEU A 282 5.53 10.95 -8.49
CA LEU A 282 6.35 12.12 -8.24
C LEU A 282 6.87 12.73 -9.53
N LEU A 283 6.67 14.04 -9.70
CA LEU A 283 7.21 14.78 -10.83
C LEU A 283 8.30 15.70 -10.36
N SER A 284 9.39 15.77 -11.10
CA SER A 284 10.49 16.62 -10.70
C SER A 284 11.52 16.84 -11.80
N GLY A 285 12.06 18.05 -11.81
CA GLY A 285 13.26 18.32 -12.57
C GLY A 285 14.42 18.03 -11.66
N ILE A 286 15.63 18.30 -12.13
CA ILE A 286 16.82 18.03 -11.34
C ILE A 286 17.56 19.29 -10.94
N SER A 287 18.52 19.14 -10.03
CA SER A 287 19.23 20.25 -9.43
C SER A 287 20.03 21.02 -10.46
N ASN A 288 20.75 20.26 -11.28
CA ASN A 288 21.62 20.82 -12.30
C ASN A 288 21.16 20.35 -13.67
N ALA A 289 20.32 21.13 -14.34
CA ALA A 289 19.70 20.68 -15.58
C ALA A 289 20.74 20.41 -16.67
N GLU A 290 20.51 19.38 -17.47
CA GLU A 290 21.44 18.99 -18.53
C GLU A 290 21.56 20.04 -19.62
N ALA A 291 22.71 20.05 -20.28
CA ALA A 291 22.90 20.93 -21.40
C ALA A 291 22.31 20.30 -22.65
N ARG A 292 21.89 21.15 -23.59
CA ARG A 292 21.45 20.70 -24.91
C ARG A 292 22.61 19.96 -25.52
N GLN A 293 22.34 18.82 -26.12
CA GLN A 293 23.39 18.01 -26.74
C GLN A 293 23.62 18.45 -28.18
N PRO A 294 24.86 18.85 -28.47
CA PRO A 294 25.28 19.46 -29.74
C PRO A 294 25.27 18.53 -30.95
N GLY A 295 24.66 18.95 -32.04
CA GLY A 295 24.79 18.17 -33.25
C GLY A 295 23.54 17.80 -34.00
N LYS A 296 23.75 17.15 -35.14
CA LYS A 296 22.69 16.53 -35.88
C LYS A 296 22.20 15.42 -34.95
N ALA A 297 20.89 15.19 -34.89
CA ALA A 297 20.41 14.12 -34.05
C ALA A 297 20.66 12.78 -34.72
N PRO A 298 21.36 11.88 -34.01
CA PRO A 298 21.67 10.54 -34.51
C PRO A 298 20.46 9.69 -34.88
N ASN A 299 20.64 8.94 -35.97
CA ASN A 299 19.57 8.10 -36.53
C ASN A 299 19.46 6.80 -35.81
N PHE A 300 20.34 6.57 -34.85
CA PHE A 300 20.30 5.31 -34.15
C PHE A 300 19.75 5.51 -32.76
N SER A 301 19.36 4.40 -32.17
CA SER A 301 18.77 4.37 -30.85
C SER A 301 19.39 3.24 -30.04
N VAL A 302 19.91 3.58 -28.86
CA VAL A 302 20.65 2.61 -28.06
C VAL A 302 19.83 2.09 -26.89
N ASN A 303 19.94 0.79 -26.61
CA ASN A 303 19.26 0.21 -25.47
C ASN A 303 20.09 -0.80 -24.69
N TRP A 304 19.90 -0.80 -23.37
CA TRP A 304 20.59 -1.73 -22.47
C TRP A 304 19.67 -2.07 -21.30
N THR A 305 19.64 -3.36 -20.97
CA THR A 305 18.92 -3.86 -19.81
C THR A 305 19.90 -4.50 -18.85
N VAL A 306 19.73 -4.27 -17.55
CA VAL A 306 20.64 -4.85 -16.56
C VAL A 306 20.73 -6.36 -16.75
N GLY A 307 21.95 -6.88 -16.66
CA GLY A 307 22.23 -8.26 -16.99
C GLY A 307 22.97 -8.40 -18.30
N ASP A 308 22.63 -7.52 -19.25
CA ASP A 308 23.22 -7.60 -20.58
C ASP A 308 24.73 -7.34 -20.53
N SER A 309 25.48 -7.99 -21.42
CA SER A 309 26.92 -7.71 -21.53
C SER A 309 27.11 -6.48 -22.41
N ALA A 310 26.53 -6.49 -23.59
CA ALA A 310 26.68 -5.36 -24.49
C ALA A 310 25.38 -4.59 -24.64
N ILE A 311 25.48 -3.39 -25.20
CA ILE A 311 24.31 -2.61 -25.57
C ILE A 311 23.87 -2.99 -26.96
N GLU A 312 22.67 -2.57 -27.35
CA GLU A 312 22.21 -2.83 -28.70
C GLU A 312 21.91 -1.52 -29.41
N VAL A 313 22.33 -1.43 -30.66
CA VAL A 313 22.12 -0.24 -31.45
C VAL A 313 21.20 -0.50 -32.60
N ILE A 314 20.06 0.20 -32.59
CA ILE A 314 19.00 -0.05 -33.55
C ILE A 314 18.85 1.17 -34.45
N ASN A 315 18.68 0.93 -35.75
CA ASN A 315 18.37 1.99 -36.70
C ASN A 315 16.92 2.44 -36.56
N ALA A 316 16.69 3.65 -36.04
CA ALA A 316 15.32 4.14 -35.80
C ALA A 316 14.48 4.15 -37.07
N THR A 317 15.14 4.39 -38.19
CA THR A 317 14.47 4.47 -39.48
C THR A 317 13.92 3.12 -39.87
N THR A 318 14.65 2.06 -39.53
CA THR A 318 14.28 0.72 -39.98
C THR A 318 13.79 -0.23 -38.90
N GLY A 319 14.08 0.08 -37.65
CA GLY A 319 13.59 -0.72 -36.54
C GLY A 319 14.40 -1.97 -36.30
N LYS A 320 15.43 -2.15 -37.13
CA LYS A 320 16.34 -3.28 -36.95
C LYS A 320 17.76 -2.77 -36.78
N ASP A 321 18.70 -3.67 -36.48
CA ASP A 321 20.09 -3.27 -36.26
C ASP A 321 20.87 -3.03 -37.58
N GLU A 322 22.14 -2.68 -37.46
CA GLU A 322 22.95 -2.29 -38.59
C GLU A 322 23.02 -3.35 -39.69
N LEU A 323 22.85 -4.62 -39.31
CA LEU A 323 22.80 -5.75 -40.24
C LEU A 323 21.42 -6.24 -40.60
N GLY A 324 20.39 -5.50 -40.25
CA GLY A 324 19.05 -5.89 -40.62
C GLY A 324 18.48 -6.99 -39.73
N ARG A 325 19.14 -7.22 -38.59
CA ARG A 325 18.69 -8.24 -37.63
C ARG A 325 17.71 -7.66 -36.63
N ALA A 326 16.73 -8.47 -36.22
CA ALA A 326 15.71 -8.04 -35.28
C ALA A 326 16.28 -7.69 -33.90
N SER A 327 15.65 -6.75 -33.21
CA SER A 327 16.10 -6.34 -31.89
C SER A 327 15.60 -7.27 -30.81
N ARG A 328 16.29 -7.29 -29.67
CA ARG A 328 15.80 -8.01 -28.49
C ARG A 328 14.57 -7.35 -27.86
N LEU A 329 14.13 -6.22 -28.42
CA LEU A 329 13.02 -5.47 -27.86
C LEU A 329 11.78 -5.51 -28.76
N CYS A 330 11.90 -6.09 -29.94
CA CYS A 330 10.78 -6.09 -30.88
C CYS A 330 9.64 -6.98 -30.39
N LYS A 331 8.47 -6.83 -30.99
CA LYS A 331 7.30 -7.62 -30.63
C LYS A 331 7.60 -9.10 -30.61
N HIS A 332 8.33 -9.56 -31.62
CA HIS A 332 8.58 -10.98 -31.80
C HIS A 332 9.39 -11.57 -30.64
N ALA A 333 10.41 -10.82 -30.22
CA ALA A 333 11.28 -11.24 -29.12
C ALA A 333 10.52 -11.36 -27.82
N LEU A 334 9.73 -10.31 -27.55
CA LEU A 334 8.96 -10.23 -26.33
C LEU A 334 7.91 -11.33 -26.30
N TYR A 335 7.33 -11.63 -27.46
CA TYR A 335 6.37 -12.74 -27.55
C TYR A 335 7.08 -14.03 -27.26
N CYS A 336 8.31 -14.13 -27.71
CA CYS A 336 9.02 -15.37 -27.47
C CYS A 336 9.17 -15.52 -25.95
N ARG A 337 9.67 -14.48 -25.29
CA ARG A 337 9.87 -14.51 -23.82
C ARG A 337 8.59 -14.89 -23.09
N TRP A 338 7.54 -14.21 -23.51
CA TRP A 338 6.26 -14.43 -22.92
C TRP A 338 5.84 -15.90 -23.09
N MET A 339 6.02 -16.47 -24.27
CA MET A 339 5.65 -17.86 -24.49
C MET A 339 6.41 -18.83 -23.56
N ARG A 340 7.72 -18.60 -23.41
CA ARG A 340 8.55 -19.45 -22.54
C ARG A 340 8.12 -19.41 -21.06
N VAL A 341 7.92 -18.21 -20.55
CA VAL A 341 7.45 -18.07 -19.20
C VAL A 341 6.08 -18.71 -19.08
N HIS A 342 5.24 -18.53 -20.10
CA HIS A 342 3.89 -19.08 -20.11
C HIS A 342 3.89 -20.59 -19.94
N GLY A 343 4.84 -21.26 -20.59
CA GLY A 343 4.95 -22.70 -20.43
C GLY A 343 5.46 -23.05 -19.04
N LYS A 344 6.36 -22.22 -18.51
CA LYS A 344 6.91 -22.53 -17.19
C LYS A 344 5.97 -22.18 -16.01
N VAL A 345 4.80 -21.61 -16.30
CA VAL A 345 3.88 -21.21 -15.22
C VAL A 345 2.70 -22.15 -15.14
N PRO A 346 2.48 -22.76 -13.96
CA PRO A 346 1.31 -23.59 -13.70
C PRO A 346 0.02 -22.79 -13.86
N SER A 347 -0.99 -23.40 -14.45
CA SER A 347 -2.20 -22.70 -14.88
C SER A 347 -3.05 -22.24 -13.71
N HIS A 348 -2.81 -22.78 -12.52
CA HIS A 348 -3.53 -22.32 -11.35
C HIS A 348 -2.89 -21.01 -10.89
N LEU A 349 -1.84 -20.58 -11.58
CA LEU A 349 -1.11 -19.38 -11.18
C LEU A 349 -1.25 -18.20 -12.16
N LEU A 350 -2.11 -18.35 -13.16
CA LEU A 350 -2.34 -17.28 -14.13
C LEU A 350 -3.42 -16.32 -13.67
N ARG A 351 -3.26 -15.03 -13.98
CA ARG A 351 -4.24 -14.02 -13.59
C ARG A 351 -5.43 -14.10 -14.52
N SER A 352 -5.18 -14.56 -15.73
CA SER A 352 -6.23 -14.85 -16.67
C SER A 352 -5.97 -16.18 -17.29
N LYS A 353 -6.95 -17.06 -17.21
CA LYS A 353 -6.78 -18.38 -17.75
C LYS A 353 -7.63 -18.53 -19.01
N ILE A 354 -7.96 -17.42 -19.69
CA ILE A 354 -8.65 -17.59 -20.95
C ILE A 354 -7.60 -18.04 -21.94
N THR A 355 -7.96 -19.04 -22.71
CA THR A 355 -7.07 -19.64 -23.66
C THR A 355 -7.41 -19.09 -25.04
N LYS A 356 -6.38 -18.72 -25.79
CA LYS A 356 -6.56 -18.17 -27.13
C LYS A 356 -5.46 -18.68 -28.03
N PRO A 357 -5.68 -18.59 -29.36
CA PRO A 357 -4.67 -19.11 -30.27
C PRO A 357 -3.34 -18.40 -30.09
N ASN A 358 -2.31 -18.94 -30.71
CA ASN A 358 -0.99 -18.39 -30.49
C ASN A 358 -0.61 -17.48 -31.62
N VAL A 359 -1.46 -16.46 -31.82
CA VAL A 359 -1.05 -15.29 -32.60
C VAL A 359 -1.08 -14.07 -31.66
N TYR A 360 -0.21 -13.10 -31.94
CA TYR A 360 0.07 -11.99 -31.03
C TYR A 360 -1.15 -11.21 -30.56
N HIS A 361 -1.93 -10.69 -31.50
CA HIS A 361 -3.07 -9.86 -31.13
C HIS A 361 -3.99 -10.66 -30.22
N GLU A 362 -4.22 -11.91 -30.62
CA GLU A 362 -5.11 -12.79 -29.89
C GLU A 362 -4.58 -13.02 -28.48
N SER A 363 -3.29 -13.26 -28.35
CA SER A 363 -2.72 -13.45 -27.03
C SER A 363 -2.80 -12.19 -26.15
N LYS A 364 -2.75 -11.01 -26.77
CA LYS A 364 -3.00 -9.77 -26.04
C LYS A 364 -4.46 -9.70 -25.55
N LEU A 365 -5.39 -10.22 -26.33
CA LEU A 365 -6.80 -10.15 -25.95
C LEU A 365 -7.14 -11.00 -24.72
N ALA A 366 -6.28 -11.96 -24.41
CA ALA A 366 -6.45 -12.76 -23.20
C ALA A 366 -6.28 -11.93 -21.93
N ALA A 367 -5.67 -10.76 -22.04
CA ALA A 367 -5.57 -9.85 -20.91
C ALA A 367 -6.86 -9.04 -20.75
N LYS A 368 -7.94 -9.74 -20.42
CA LYS A 368 -9.26 -9.15 -20.48
C LYS A 368 -9.40 -7.88 -19.64
N GLU A 369 -8.87 -7.91 -18.42
CA GLU A 369 -8.95 -6.74 -17.53
C GLU A 369 -8.12 -5.61 -18.04
N TYR A 370 -6.88 -5.91 -18.41
CA TYR A 370 -6.00 -4.90 -18.97
C TYR A 370 -6.63 -4.24 -20.16
N GLN A 371 -7.17 -5.07 -21.03
CA GLN A 371 -7.91 -4.60 -22.18
C GLN A 371 -8.99 -3.60 -21.75
N ALA A 372 -9.71 -3.95 -20.68
CA ALA A 372 -10.79 -3.10 -20.19
C ALA A 372 -10.28 -1.76 -19.70
N ALA A 373 -9.16 -1.81 -18.98
CA ALA A 373 -8.50 -0.61 -18.50
C ALA A 373 -8.20 0.29 -19.69
N LYS A 374 -7.60 -0.30 -20.73
CA LYS A 374 -7.32 0.40 -21.97
C LYS A 374 -8.56 1.13 -22.46
N ALA A 375 -9.70 0.46 -22.39
CA ALA A 375 -10.94 1.08 -22.85
C ALA A 375 -11.35 2.30 -21.99
N ARG A 376 -11.29 2.13 -20.66
CA ARG A 376 -11.61 3.24 -19.77
C ARG A 376 -10.71 4.44 -20.09
N LEU A 377 -9.47 4.15 -20.40
CA LEU A 377 -8.50 5.17 -20.75
C LEU A 377 -8.86 5.94 -22.03
N PHE A 378 -9.10 5.20 -23.10
CA PHE A 378 -9.43 5.84 -24.37
C PHE A 378 -10.66 6.72 -24.20
N THR A 379 -11.65 6.20 -23.47
CA THR A 379 -12.85 6.97 -23.19
C THR A 379 -12.59 8.20 -22.37
N ALA A 380 -11.72 8.06 -21.35
CA ALA A 380 -11.39 9.18 -20.49
C ALA A 380 -10.92 10.30 -21.36
N PHE A 381 -9.98 9.99 -22.24
CA PHE A 381 -9.48 10.99 -23.16
C PHE A 381 -10.57 11.57 -24.03
N ILE A 382 -11.46 10.73 -24.53
CA ILE A 382 -12.49 11.19 -25.45
C ILE A 382 -13.49 12.14 -24.82
N LYS A 383 -14.06 11.73 -23.68
CA LYS A 383 -15.08 12.53 -23.03
C LYS A 383 -14.47 13.84 -22.54
N ALA A 384 -13.17 13.82 -22.27
CA ALA A 384 -12.47 15.03 -21.87
C ALA A 384 -12.23 15.97 -23.04
N GLY A 385 -12.73 15.58 -24.21
CA GLY A 385 -12.56 16.37 -25.42
C GLY A 385 -11.12 16.49 -25.85
N LEU A 386 -10.34 15.46 -25.56
CA LEU A 386 -8.91 15.50 -25.80
C LEU A 386 -8.53 14.60 -26.98
N GLY A 387 -9.53 14.09 -27.68
CA GLY A 387 -9.26 13.32 -28.87
C GLY A 387 -9.29 11.82 -28.71
N ALA A 388 -9.33 11.15 -29.86
CA ALA A 388 -9.32 9.69 -29.94
C ALA A 388 -7.91 9.13 -30.11
N TRP A 389 -7.59 8.05 -29.37
CA TRP A 389 -6.30 7.37 -29.47
C TRP A 389 -6.15 6.78 -30.85
N VAL A 390 -4.92 6.77 -31.36
CA VAL A 390 -4.67 6.30 -32.71
C VAL A 390 -3.79 5.09 -32.68
N GLU A 391 -4.29 3.99 -33.22
CA GLU A 391 -3.53 2.74 -33.19
C GLU A 391 -2.94 2.37 -34.54
N LYS A 392 -1.92 1.49 -34.49
CA LYS A 392 -1.34 0.90 -35.68
C LYS A 392 -2.42 0.08 -36.39
N PRO A 393 -2.33 -0.04 -37.73
CA PRO A 393 -3.30 -0.83 -38.49
C PRO A 393 -3.47 -2.22 -37.92
N THR A 394 -4.66 -2.81 -38.03
CA THR A 394 -4.93 -4.05 -37.28
C THR A 394 -4.04 -5.18 -37.73
N GLU A 395 -3.50 -5.07 -38.94
CA GLU A 395 -2.62 -6.06 -39.53
C GLU A 395 -1.31 -6.27 -38.72
N GLN A 396 -0.85 -5.23 -38.05
CA GLN A 396 0.44 -5.23 -37.33
C GLN A 396 0.65 -6.36 -36.31
N ASP A 397 -0.41 -6.80 -35.64
CA ASP A 397 -0.23 -7.78 -34.59
C ASP A 397 -0.75 -9.17 -34.97
N GLN A 398 -1.10 -9.40 -36.25
CA GLN A 398 -1.51 -10.74 -36.71
C GLN A 398 -0.32 -11.53 -37.22
N PHE A 399 0.45 -12.09 -36.30
CA PHE A 399 1.57 -12.93 -36.68
C PHE A 399 1.69 -13.98 -35.62
N SER A 400 2.37 -15.08 -35.95
CA SER A 400 2.62 -16.14 -34.99
C SER A 400 4.11 -16.35 -34.88
N LEU A 401 4.50 -17.28 -34.03
CA LEU A 401 5.90 -17.65 -33.94
C LEU A 401 6.11 -18.82 -34.88
N THR A 402 6.25 -18.45 -36.15
CA THR A 402 6.38 -19.36 -37.29
C THR A 402 5.56 -20.66 -37.15
N THR D 6 -30.66 -17.78 33.01
CA THR D 6 -29.33 -18.31 32.76
C THR D 6 -28.28 -17.49 33.50
N PRO D 7 -27.66 -18.08 34.54
CA PRO D 7 -26.61 -17.42 35.30
C PRO D 7 -25.38 -17.12 34.43
N SER D 8 -25.24 -17.87 33.34
CA SER D 8 -24.17 -17.67 32.36
C SER D 8 -24.38 -16.41 31.53
N ARG D 9 -25.66 -16.06 31.31
CA ARG D 9 -26.05 -14.90 30.50
C ARG D 9 -26.45 -13.69 31.35
N GLN D 10 -25.62 -13.32 32.32
CA GLN D 10 -25.88 -12.14 33.15
C GLN D 10 -24.63 -11.27 33.41
N PRO D 11 -24.76 -9.94 33.20
CA PRO D 11 -23.70 -8.91 33.32
C PRO D 11 -22.79 -8.99 34.54
N ILE D 12 -21.49 -8.74 34.30
CA ILE D 12 -20.47 -8.67 35.34
C ILE D 12 -20.02 -7.21 35.54
N PRO D 13 -20.42 -6.60 36.66
CA PRO D 13 -20.16 -5.18 37.00
C PRO D 13 -18.66 -4.80 37.09
N SER D 14 -18.34 -3.54 36.81
CA SER D 14 -16.93 -3.14 36.65
C SER D 14 -16.22 -2.85 37.95
N GLU D 15 -14.91 -3.02 37.93
CA GLU D 15 -14.09 -2.73 39.09
C GLU D 15 -13.54 -1.33 38.90
N GLY D 16 -14.16 -0.60 37.98
CA GLY D 16 -13.82 0.79 37.71
C GLY D 16 -14.82 1.76 38.30
N LEU D 17 -15.22 2.72 37.47
CA LEU D 17 -16.27 3.67 37.81
C LEU D 17 -17.66 3.28 37.27
N GLN D 18 -18.62 3.04 38.18
CA GLN D 18 -19.97 2.68 37.75
C GLN D 18 -20.81 3.95 37.56
N LEU D 19 -20.78 4.53 36.35
CA LEU D 19 -21.45 5.81 36.10
C LEU D 19 -22.85 5.61 35.51
N HIS D 20 -22.99 4.51 34.76
CA HIS D 20 -24.27 4.14 34.19
C HIS D 20 -24.64 2.76 34.73
N LEU D 21 -25.90 2.38 34.56
CA LEU D 21 -26.31 1.01 34.81
C LEU D 21 -25.79 0.13 33.67
N PRO D 22 -25.31 -1.08 33.99
CA PRO D 22 -24.70 -1.93 32.96
C PRO D 22 -25.57 -2.07 31.72
N GLN D 23 -26.78 -2.58 31.85
CA GLN D 23 -27.56 -2.99 30.67
C GLN D 23 -28.01 -1.82 29.79
N VAL D 24 -28.28 -0.66 30.38
CA VAL D 24 -28.61 0.51 29.58
C VAL D 24 -27.40 0.92 28.77
N LEU D 25 -26.22 0.86 29.40
CA LEU D 25 -24.95 1.20 28.77
C LEU D 25 -24.61 0.24 27.59
N ALA D 26 -24.77 -1.06 27.84
CA ALA D 26 -24.51 -2.04 26.80
C ALA D 26 -25.43 -1.82 25.60
N ASP D 27 -26.75 -1.85 25.84
CA ASP D 27 -27.70 -1.66 24.75
C ASP D 27 -27.45 -0.33 24.01
N ALA D 28 -27.04 0.67 24.77
CA ALA D 28 -26.70 1.98 24.22
C ALA D 28 -25.53 1.93 23.25
N VAL D 29 -24.38 1.44 23.71
CA VAL D 29 -23.21 1.43 22.84
C VAL D 29 -23.34 0.49 21.66
N SER D 30 -24.06 -0.62 21.84
CA SER D 30 -24.25 -1.53 20.74
C SER D 30 -25.07 -0.79 19.68
N ARG D 31 -26.16 -0.16 20.15
CA ARG D 31 -27.08 0.55 19.27
C ARG D 31 -26.34 1.67 18.51
N LEU D 32 -25.56 2.48 19.21
CA LEU D 32 -24.86 3.60 18.58
C LEU D 32 -23.86 3.16 17.55
N VAL D 33 -23.01 2.22 17.94
CA VAL D 33 -21.95 1.77 17.05
C VAL D 33 -22.56 1.18 15.81
N LEU D 34 -23.53 0.29 15.98
CA LEU D 34 -24.16 -0.32 14.82
C LEU D 34 -24.77 0.77 13.90
N GLY D 35 -25.40 1.77 14.53
CA GLY D 35 -26.00 2.89 13.82
C GLY D 35 -24.99 3.72 13.05
N LYS D 36 -23.87 4.04 13.68
CA LYS D 36 -22.78 4.78 13.05
C LYS D 36 -22.10 4.02 11.90
N PHE D 37 -21.99 2.70 12.01
CA PHE D 37 -21.49 1.90 10.89
C PHE D 37 -22.49 2.01 9.74
N GLY D 38 -23.77 2.03 10.11
CA GLY D 38 -24.81 2.20 9.11
C GLY D 38 -24.61 3.49 8.35
N ASP D 39 -24.52 4.62 9.07
CA ASP D 39 -24.32 5.94 8.48
C ASP D 39 -23.07 6.00 7.61
N LEU D 40 -22.05 5.26 8.01
CA LEU D 40 -20.82 5.19 7.23
C LEU D 40 -20.96 4.32 5.98
N THR D 41 -22.04 3.54 5.91
CA THR D 41 -22.16 2.64 4.75
C THR D 41 -23.42 2.74 3.87
N ASP D 42 -23.99 3.94 3.70
CA ASP D 42 -25.25 4.08 2.94
C ASP D 42 -26.31 3.16 3.49
N ASN D 43 -26.51 3.20 4.80
CA ASN D 43 -27.50 2.33 5.44
C ASN D 43 -27.27 0.85 5.13
N PHE D 44 -26.06 0.38 5.40
CA PHE D 44 -25.71 -1.04 5.26
C PHE D 44 -25.83 -1.55 3.80
N SER D 45 -26.01 -0.64 2.85
CA SER D 45 -26.21 -1.03 1.47
C SER D 45 -24.90 -1.09 0.69
N SER D 46 -23.90 -0.39 1.19
CA SER D 46 -22.62 -0.34 0.52
C SER D 46 -22.00 -1.74 0.45
N PRO D 47 -21.17 -1.96 -0.57
CA PRO D 47 -20.40 -3.20 -0.67
C PRO D 47 -19.53 -3.44 0.56
N HIS D 48 -19.06 -2.36 1.19
CA HIS D 48 -18.11 -2.50 2.28
C HIS D 48 -18.77 -2.58 3.63
N ALA D 49 -20.07 -2.72 3.62
CA ALA D 49 -20.83 -2.93 4.84
C ALA D 49 -20.83 -4.41 5.20
N ARG D 50 -20.44 -5.26 4.24
CA ARG D 50 -20.39 -6.69 4.49
C ARG D 50 -19.37 -6.96 5.58
N ARG D 51 -19.70 -7.87 6.49
CA ARG D 51 -18.83 -8.11 7.61
C ARG D 51 -19.18 -9.39 8.36
N LYS D 52 -18.24 -9.88 9.16
CA LYS D 52 -18.49 -11.02 10.01
C LYS D 52 -18.47 -10.58 11.47
N VAL D 53 -17.48 -9.76 11.81
CA VAL D 53 -17.41 -9.21 13.15
C VAL D 53 -17.33 -7.69 13.10
N LEU D 54 -18.15 -7.03 13.90
CA LEU D 54 -18.14 -5.58 13.96
C LEU D 54 -17.71 -5.14 15.32
N ALA D 55 -16.87 -4.12 15.37
CA ALA D 55 -16.44 -3.56 16.64
C ALA D 55 -16.42 -2.04 16.60
N GLY D 56 -16.32 -1.43 17.77
CA GLY D 56 -16.30 0.01 17.87
C GLY D 56 -15.95 0.46 19.28
N VAL D 57 -15.51 1.72 19.37
CA VAL D 57 -15.19 2.36 20.63
C VAL D 57 -16.04 3.61 20.81
N VAL D 58 -16.66 3.71 21.99
CA VAL D 58 -17.56 4.83 22.34
C VAL D 58 -17.09 5.59 23.60
N MET D 59 -17.19 6.92 23.58
CA MET D 59 -16.80 7.73 24.74
C MET D 59 -17.94 8.39 25.51
N THR D 60 -17.84 8.38 26.84
CA THR D 60 -18.78 9.11 27.69
C THR D 60 -18.06 10.15 28.53
N THR D 61 -18.75 11.26 28.75
CA THR D 61 -18.17 12.39 29.44
C THR D 61 -18.81 12.57 30.82
N GLY D 62 -19.91 11.86 31.05
CA GLY D 62 -20.60 11.98 32.31
C GLY D 62 -21.68 10.93 32.50
N THR D 63 -22.44 11.10 33.57
CA THR D 63 -23.48 10.16 33.95
C THR D 63 -24.62 10.12 32.93
N ASP D 64 -24.82 11.21 32.19
CA ASP D 64 -25.87 11.24 31.17
C ASP D 64 -25.54 10.32 30.01
N VAL D 65 -26.26 9.21 29.95
CA VAL D 65 -25.97 8.15 28.99
C VAL D 65 -26.28 8.53 27.53
N LYS D 66 -26.66 9.78 27.29
CA LYS D 66 -26.76 10.29 25.91
C LYS D 66 -25.63 11.28 25.59
N ASP D 67 -24.67 11.42 26.50
CA ASP D 67 -23.49 12.26 26.28
C ASP D 67 -22.48 11.53 25.42
N ALA D 68 -22.90 10.41 24.83
CA ALA D 68 -22.01 9.46 24.17
C ALA D 68 -21.55 9.84 22.76
N LYS D 69 -20.28 9.53 22.46
CA LYS D 69 -19.73 9.71 21.12
C LYS D 69 -19.12 8.42 20.59
N VAL D 70 -19.57 8.00 19.41
CA VAL D 70 -18.89 6.91 18.73
C VAL D 70 -17.57 7.46 18.27
N ILE D 71 -16.51 6.90 18.83
CA ILE D 71 -15.16 7.38 18.57
C ILE D 71 -14.62 6.68 17.34
N SER D 72 -14.81 5.37 17.28
CA SER D 72 -14.28 4.62 16.14
C SER D 72 -15.09 3.38 15.80
N VAL D 73 -15.03 2.98 14.54
CA VAL D 73 -15.81 1.84 14.10
C VAL D 73 -14.95 1.00 13.17
N SER D 74 -15.06 -0.32 13.28
CA SER D 74 -14.25 -1.20 12.44
C SER D 74 -14.89 -2.56 12.22
N THR D 75 -14.44 -3.22 11.16
CA THR D 75 -14.84 -4.58 10.86
C THR D 75 -13.62 -5.32 10.38
N GLY D 76 -13.59 -6.63 10.61
CA GLY D 76 -12.52 -7.49 10.11
C GLY D 76 -12.30 -8.74 10.94
N THR D 77 -11.93 -9.84 10.27
CA THR D 77 -11.80 -11.11 10.96
C THR D 77 -10.55 -11.85 10.56
N LYS D 78 -9.66 -11.21 9.81
CA LYS D 78 -8.48 -11.90 9.28
C LYS D 78 -7.09 -11.21 9.52
N CYS D 79 -6.01 -11.98 9.41
CA CYS D 79 -4.66 -11.43 9.62
C CYS D 79 -3.77 -11.44 8.40
N ILE D 80 -2.72 -10.60 8.44
CA ILE D 80 -1.75 -10.47 7.34
C ILE D 80 -1.12 -11.81 7.02
N ASN D 81 -0.73 -11.96 5.77
CA ASN D 81 0.05 -13.12 5.40
C ASN D 81 1.50 -12.88 5.87
N GLY D 82 2.24 -13.95 6.15
CA GLY D 82 3.61 -13.77 6.61
C GLY D 82 4.44 -13.13 5.50
N GLU D 83 4.26 -13.68 4.30
CA GLU D 83 4.97 -13.31 3.09
C GLU D 83 4.84 -11.81 2.77
N TYR D 84 3.83 -11.17 3.36
CA TYR D 84 3.41 -9.82 2.98
C TYR D 84 3.77 -8.73 3.99
N MET D 85 4.46 -9.09 5.08
CA MET D 85 4.86 -8.13 6.10
C MET D 85 5.76 -7.01 5.57
N SER D 86 5.69 -5.86 6.23
CA SER D 86 6.41 -4.66 5.83
C SER D 86 7.61 -4.38 6.72
N ASP D 87 8.74 -4.06 6.09
CA ASP D 87 9.97 -3.75 6.81
C ASP D 87 10.01 -2.31 7.33
N ARG D 88 9.21 -1.45 6.71
CA ARG D 88 9.15 -0.04 7.06
C ARG D 88 7.93 0.21 7.94
N GLY D 89 7.22 -0.84 8.32
CA GLY D 89 6.04 -0.70 9.15
C GLY D 89 4.86 -0.09 8.40
N LEU D 90 4.70 -0.48 7.14
CA LEU D 90 3.65 0.06 6.29
C LEU D 90 2.46 -0.88 6.23
N ALA D 91 2.56 -1.98 6.96
CA ALA D 91 1.53 -3.01 6.89
C ALA D 91 0.82 -3.18 8.24
N LEU D 92 -0.46 -3.54 8.17
CA LEU D 92 -1.22 -3.90 9.36
C LEU D 92 -1.18 -5.41 9.59
N ASN D 93 -0.52 -5.79 10.69
CA ASN D 93 -0.37 -7.19 10.99
C ASN D 93 -1.68 -7.85 11.41
N ASP D 94 -2.56 -7.09 12.06
CA ASP D 94 -3.78 -7.67 12.62
C ASP D 94 -5.00 -6.78 12.33
N CYS D 95 -5.98 -7.35 11.61
CA CYS D 95 -7.15 -6.63 11.14
C CYS D 95 -8.45 -7.19 11.70
N HIS D 96 -8.35 -7.94 12.80
CA HIS D 96 -9.54 -8.32 13.51
C HIS D 96 -10.21 -7.04 13.99
N ALA D 97 -11.54 -7.03 13.93
CA ALA D 97 -12.31 -5.81 14.18
C ALA D 97 -11.80 -5.02 15.42
N GLU D 98 -11.73 -5.69 16.56
CA GLU D 98 -11.45 -5.00 17.82
C GLU D 98 -10.03 -4.40 17.90
N ILE D 99 -9.04 -5.09 17.32
CA ILE D 99 -7.67 -4.61 17.21
C ILE D 99 -7.59 -3.28 16.43
N ILE D 100 -8.30 -3.27 15.30
CA ILE D 100 -8.40 -2.12 14.45
C ILE D 100 -9.09 -0.96 15.16
N SER D 101 -10.17 -1.26 15.88
CA SER D 101 -10.83 -0.21 16.64
C SER D 101 -9.88 0.44 17.62
N ARG D 102 -9.10 -0.37 18.36
CA ARG D 102 -8.16 0.22 19.31
C ARG D 102 -7.19 1.16 18.61
N ARG D 103 -6.70 0.70 17.45
CA ARG D 103 -5.72 1.51 16.71
C ARG D 103 -6.31 2.85 16.26
N SER D 104 -7.55 2.85 15.78
CA SER D 104 -8.21 4.10 15.40
C SER D 104 -8.40 5.02 16.61
N LEU D 105 -8.69 4.40 17.76
CA LEU D 105 -8.83 5.12 19.01
C LEU D 105 -7.57 5.91 19.28
N LEU D 106 -6.43 5.29 18.96
CA LEU D 106 -5.15 5.99 19.16
C LEU D 106 -5.13 7.29 18.36
N ARG D 107 -5.57 7.23 17.10
CA ARG D 107 -5.65 8.43 16.25
C ARG D 107 -6.47 9.51 16.93
N PHE D 108 -7.56 9.10 17.56
CA PHE D 108 -8.36 10.06 18.31
C PHE D 108 -7.54 10.69 19.45
N LEU D 109 -6.74 9.87 20.13
CA LEU D 109 -5.90 10.37 21.24
C LEU D 109 -4.85 11.38 20.77
N TYR D 110 -4.21 11.09 19.65
CA TYR D 110 -3.26 12.04 19.07
C TYR D 110 -3.96 13.35 18.67
N THR D 111 -5.11 13.24 18.00
CA THR D 111 -5.86 14.45 17.65
C THR D 111 -6.15 15.28 18.91
N GLN D 112 -6.58 14.63 20.01
CA GLN D 112 -6.88 15.35 21.25
C GLN D 112 -5.68 16.02 21.89
N LEU D 113 -4.50 15.41 21.82
CA LEU D 113 -3.31 16.15 22.27
C LEU D 113 -3.02 17.36 21.35
N GLU D 114 -3.09 17.16 20.02
CA GLU D 114 -2.90 18.27 19.07
C GLU D 114 -3.88 19.40 19.36
N LEU D 115 -5.10 19.05 19.73
CA LEU D 115 -6.15 19.97 20.10
C LEU D 115 -5.78 20.78 21.32
N TYR D 116 -5.32 20.09 22.36
CA TYR D 116 -4.95 20.78 23.60
C TYR D 116 -3.81 21.75 23.34
N LEU D 117 -2.79 21.27 22.64
CA LEU D 117 -1.58 22.05 22.42
C LEU D 117 -1.75 23.09 21.31
N ASN D 118 -2.85 22.99 20.56
CA ASN D 118 -3.14 23.88 19.41
C ASN D 118 -3.27 25.34 19.81
N ASN D 119 -4.16 25.62 20.76
CA ASN D 119 -4.19 26.91 21.44
C ASN D 119 -4.87 26.67 22.79
N LYS D 120 -4.96 27.72 23.60
CA LYS D 120 -5.46 27.57 24.96
C LYS D 120 -6.99 27.53 25.05
N ASP D 121 -7.67 28.17 24.11
CA ASP D 121 -9.13 28.20 24.10
C ASP D 121 -9.70 26.81 23.80
N ASP D 122 -8.86 25.95 23.22
CA ASP D 122 -9.26 24.61 22.81
C ASP D 122 -9.09 23.61 23.94
N GLN D 123 -8.28 23.98 24.92
CA GLN D 123 -7.96 23.10 26.03
C GLN D 123 -9.20 22.70 26.83
N LYS D 124 -10.20 23.58 26.81
CA LYS D 124 -11.46 23.31 27.52
C LYS D 124 -12.23 22.24 26.77
N ARG D 125 -11.95 22.12 25.47
CA ARG D 125 -12.63 21.19 24.58
C ARG D 125 -11.93 19.82 24.47
N SER D 126 -10.65 19.79 24.86
CA SER D 126 -9.86 18.57 24.81
C SER D 126 -10.24 17.66 25.94
N ILE D 127 -10.19 16.36 25.69
CA ILE D 127 -10.48 15.35 26.70
C ILE D 127 -9.34 15.25 27.70
N PHE D 128 -8.19 15.81 27.31
CA PHE D 128 -6.99 15.75 28.13
C PHE D 128 -6.85 16.98 29.01
N GLN D 129 -6.04 16.84 30.05
CA GLN D 129 -5.61 17.99 30.83
C GLN D 129 -4.20 17.71 31.32
N LYS D 130 -3.52 18.75 31.78
CA LYS D 130 -2.19 18.60 32.32
C LYS D 130 -2.30 17.68 33.52
N SER D 131 -1.32 16.83 33.78
CA SER D 131 -1.39 16.00 34.99
C SER D 131 -0.43 16.44 36.05
N GLU D 132 -0.96 16.51 37.27
CA GLU D 132 -0.17 16.78 38.46
C GLU D 132 1.06 15.91 38.60
N ARG D 133 1.00 14.69 38.09
CA ARG D 133 2.15 13.80 38.21
C ARG D 133 3.13 14.00 37.06
N GLY D 134 2.80 14.93 36.17
CA GLY D 134 3.57 15.17 34.96
C GLY D 134 2.92 14.54 33.76
N GLY D 135 3.09 15.15 32.59
CA GLY D 135 2.46 14.67 31.38
C GLY D 135 0.97 14.96 31.45
N PHE D 136 0.18 14.25 30.67
CA PHE D 136 -1.25 14.51 30.66
C PHE D 136 -2.03 13.35 31.23
N ARG D 137 -3.26 13.65 31.61
CA ARG D 137 -4.20 12.66 32.14
C ARG D 137 -5.56 13.02 31.58
N LEU D 138 -6.47 12.05 31.61
CA LEU D 138 -7.84 12.26 31.18
C LEU D 138 -8.64 13.21 32.11
N LYS D 139 -9.67 13.87 31.57
CA LYS D 139 -10.57 14.66 32.42
C LYS D 139 -11.37 13.78 33.38
N GLU D 140 -11.79 14.37 34.48
CA GLU D 140 -12.17 13.61 35.67
C GLU D 140 -13.30 12.59 35.45
N ASN D 141 -14.05 12.70 34.36
CA ASN D 141 -15.14 11.76 34.16
C ASN D 141 -15.12 10.92 32.88
N VAL D 142 -14.16 11.18 32.01
CA VAL D 142 -14.19 10.57 30.70
C VAL D 142 -13.86 9.07 30.74
N GLN D 143 -14.75 8.31 30.12
CA GLN D 143 -14.58 6.87 29.99
C GLN D 143 -14.72 6.45 28.55
N PHE D 144 -14.04 5.36 28.19
CA PHE D 144 -14.20 4.68 26.91
C PHE D 144 -14.78 3.29 27.07
N HIS D 145 -15.55 2.87 26.08
CA HIS D 145 -16.20 1.58 26.09
C HIS D 145 -15.96 0.85 24.78
N LEU D 146 -15.54 -0.41 24.87
CA LEU D 146 -15.27 -1.25 23.71
C LEU D 146 -16.44 -2.18 23.46
N TYR D 147 -16.87 -2.22 22.19
CA TYR D 147 -17.92 -3.12 21.72
C TYR D 147 -17.41 -4.05 20.64
N ILE D 148 -17.68 -5.33 20.78
CA ILE D 148 -17.38 -6.29 19.72
C ILE D 148 -18.66 -7.07 19.38
N SER D 149 -18.93 -7.28 18.09
CA SER D 149 -20.19 -7.89 17.68
C SER D 149 -20.26 -9.37 18.07
N THR D 150 -19.18 -9.91 18.61
CA THR D 150 -19.13 -11.29 19.06
C THR D 150 -17.95 -11.40 20.02
N SER D 151 -17.87 -12.48 20.78
CA SER D 151 -16.76 -12.63 21.72
C SER D 151 -15.41 -12.66 20.99
N PRO D 152 -14.37 -12.04 21.58
CA PRO D 152 -13.02 -11.95 21.00
C PRO D 152 -12.40 -13.31 20.75
N CYS D 153 -11.64 -13.47 19.66
CA CYS D 153 -11.05 -14.78 19.39
C CYS D 153 -10.07 -15.17 20.49
N GLY D 154 -9.72 -16.44 20.52
CA GLY D 154 -8.87 -16.89 21.59
C GLY D 154 -9.69 -17.43 22.74
N ASP D 155 -9.14 -17.32 23.94
CA ASP D 155 -9.72 -17.98 25.10
C ASP D 155 -11.19 -17.67 25.43
N ALA D 156 -11.64 -16.44 25.18
CA ALA D 156 -13.01 -16.03 25.49
C ALA D 156 -14.08 -16.79 24.69
N ARG D 157 -13.67 -17.48 23.62
CA ARG D 157 -14.62 -18.08 22.68
C ARG D 157 -14.52 -19.61 22.70
N ILE D 158 -13.43 -20.15 23.24
CA ILE D 158 -13.27 -21.62 23.35
C ILE D 158 -14.22 -22.17 24.41
N PHE D 159 -15.44 -22.53 24.01
CA PHE D 159 -16.44 -23.12 24.91
C PHE D 159 -17.71 -23.55 24.16
N SER D 160 -18.49 -24.43 24.79
CA SER D 160 -19.70 -24.97 24.17
C SER D 160 -20.91 -24.14 24.59
N PRO D 161 -21.38 -23.27 23.69
CA PRO D 161 -22.50 -22.40 24.04
C PRO D 161 -23.86 -23.08 24.17
N HIS D 162 -23.98 -24.39 23.95
CA HIS D 162 -25.24 -25.04 24.25
C HIS D 162 -25.06 -26.11 25.32
N GLU D 163 -24.06 -25.88 26.18
CA GLU D 163 -23.83 -26.72 27.32
C GLU D 163 -23.53 -25.92 28.57
N PRO D 164 -24.14 -26.32 29.68
CA PRO D 164 -23.88 -25.62 30.94
C PRO D 164 -22.40 -25.73 31.36
N ILE D 165 -21.94 -24.67 32.02
CA ILE D 165 -20.57 -24.53 32.48
C ILE D 165 -20.29 -25.30 33.77
N LEU D 166 -19.08 -25.85 33.86
CA LEU D 166 -18.64 -26.64 35.01
C LEU D 166 -17.11 -26.72 35.02
N GLU D 167 -16.47 -25.68 34.52
CA GLU D 167 -15.01 -25.67 34.26
C GLU D 167 -14.15 -26.09 35.46
N GLU D 168 -14.08 -25.22 36.46
CA GLU D 168 -13.17 -25.39 37.57
C GLU D 168 -13.92 -25.35 38.91
N PRO D 169 -14.03 -26.51 39.59
CA PRO D 169 -14.73 -26.49 40.88
C PRO D 169 -13.85 -25.78 41.89
N ALA D 170 -14.37 -25.43 43.06
CA ALA D 170 -13.57 -24.63 44.01
C ALA D 170 -12.39 -25.44 44.53
N ASP D 171 -12.64 -26.69 44.89
CA ASP D 171 -11.59 -27.62 45.28
C ASP D 171 -10.63 -27.81 44.12
N ARG D 172 -9.36 -28.08 44.43
CA ARG D 172 -8.32 -28.31 43.42
C ARG D 172 -8.77 -29.36 42.42
N HIS D 173 -8.77 -28.99 41.12
CA HIS D 173 -9.23 -29.86 40.03
C HIS D 173 -8.75 -31.29 40.23
N PRO D 174 -9.68 -32.26 40.19
CA PRO D 174 -9.30 -33.65 40.43
C PRO D 174 -8.39 -34.20 39.33
N ASN D 175 -8.37 -33.54 38.17
CA ASN D 175 -7.57 -33.96 37.02
C ASN D 175 -6.32 -33.08 36.84
N ARG D 176 -6.46 -32.03 36.04
CA ARG D 176 -5.36 -31.10 35.79
C ARG D 176 -5.86 -29.66 35.73
N LYS D 177 -4.92 -28.72 35.72
CA LYS D 177 -5.23 -27.29 35.64
C LYS D 177 -5.17 -26.71 34.22
N ALA D 178 -4.90 -25.39 34.18
CA ALA D 178 -4.77 -24.58 32.96
C ALA D 178 -5.97 -24.59 32.00
N ARG D 179 -6.89 -23.65 32.21
CA ARG D 179 -8.04 -23.45 31.31
C ARG D 179 -8.10 -22.01 30.81
N GLY D 180 -6.93 -21.40 30.65
CA GLY D 180 -6.79 -20.01 30.23
C GLY D 180 -5.73 -19.80 29.15
N GLN D 181 -5.29 -20.88 28.50
CA GLN D 181 -4.10 -20.88 27.66
C GLN D 181 -4.05 -19.84 26.54
N LEU D 182 -2.84 -19.28 26.36
CA LEU D 182 -2.53 -18.35 25.26
C LEU D 182 -2.70 -19.06 23.94
N ARG D 183 -3.21 -18.32 22.96
CA ARG D 183 -3.56 -18.88 21.68
C ARG D 183 -3.23 -17.89 20.57
N THR D 184 -2.95 -18.38 19.37
CA THR D 184 -2.59 -17.50 18.27
C THR D 184 -3.51 -17.68 17.09
N LYS D 185 -3.74 -16.56 16.42
CA LYS D 185 -4.32 -16.56 15.11
C LYS D 185 -3.46 -17.36 14.20
N ILE D 186 -4.10 -18.19 13.39
CA ILE D 186 -3.38 -18.97 12.39
C ILE D 186 -3.52 -18.20 11.11
N GLU D 187 -2.39 -18.07 10.44
CA GLU D 187 -2.33 -17.34 9.19
C GLU D 187 -3.36 -18.00 8.28
N SER D 188 -4.07 -17.17 7.50
CA SER D 188 -5.11 -17.64 6.56
C SER D 188 -6.38 -18.12 7.29
N GLY D 189 -6.66 -17.51 8.43
CA GLY D 189 -7.84 -17.92 9.15
C GLY D 189 -8.39 -16.96 10.20
N GLU D 190 -9.66 -17.17 10.49
CA GLU D 190 -10.30 -16.36 11.49
C GLU D 190 -10.14 -17.10 12.80
N GLY D 191 -9.68 -18.33 12.71
CA GLY D 191 -9.55 -19.15 13.90
C GLY D 191 -8.33 -18.94 14.77
N THR D 192 -8.22 -19.79 15.79
CA THR D 192 -7.18 -19.68 16.80
C THR D 192 -6.74 -21.04 17.34
N ILE D 193 -5.44 -21.22 17.56
CA ILE D 193 -4.92 -22.48 18.12
C ILE D 193 -3.98 -22.19 19.32
N PRO D 194 -3.89 -23.12 20.29
CA PRO D 194 -2.98 -22.94 21.45
C PRO D 194 -1.53 -22.66 21.09
N VAL D 195 -0.77 -22.09 22.02
CA VAL D 195 0.65 -21.85 21.80
C VAL D 195 1.39 -23.11 22.19
N ARG D 196 2.44 -23.45 21.43
CA ARG D 196 3.26 -24.62 21.72
C ARG D 196 3.99 -24.39 23.04
N SER D 197 4.06 -25.40 23.90
CA SER D 197 4.84 -25.24 25.14
C SER D 197 6.33 -25.47 24.81
N ASN D 198 6.60 -25.99 23.61
CA ASN D 198 7.97 -26.13 23.10
C ASN D 198 8.26 -24.92 22.25
N ALA D 199 8.18 -23.76 22.89
CA ALA D 199 8.08 -22.47 22.23
C ALA D 199 9.31 -21.95 21.48
N SER D 200 9.30 -22.04 20.14
CA SER D 200 10.35 -21.44 19.30
C SER D 200 9.96 -20.02 18.89
N ILE D 201 10.92 -19.12 18.69
CA ILE D 201 10.60 -17.74 18.32
C ILE D 201 10.57 -17.54 16.81
N GLN D 202 9.83 -16.53 16.37
CA GLN D 202 9.74 -16.21 14.95
C GLN D 202 11.00 -15.48 14.49
N THR D 203 11.37 -15.63 13.22
CA THR D 203 12.45 -14.83 12.62
C THR D 203 11.90 -14.11 11.40
N TRP D 204 12.56 -13.05 10.96
CA TRP D 204 12.04 -12.26 9.85
C TRP D 204 12.13 -12.95 8.47
N ASP D 205 13.31 -13.41 8.04
CA ASP D 205 13.42 -14.02 6.69
C ASP D 205 12.86 -15.45 6.67
N GLY D 206 12.71 -16.06 7.84
CA GLY D 206 12.15 -17.40 7.93
C GLY D 206 10.65 -17.46 7.67
N VAL D 207 9.91 -16.60 8.37
CA VAL D 207 8.46 -16.39 8.20
C VAL D 207 8.08 -15.89 6.80
N LEU D 208 8.88 -14.96 6.28
CA LEU D 208 8.67 -14.38 4.95
C LEU D 208 8.72 -15.46 3.85
N GLN D 209 9.34 -16.60 4.17
CA GLN D 209 9.49 -17.72 3.25
C GLN D 209 8.25 -18.62 3.20
N GLY D 210 7.49 -18.66 4.30
CA GLY D 210 6.27 -19.44 4.37
C GLY D 210 5.98 -20.08 5.72
N GLU D 211 6.92 -19.95 6.65
CA GLU D 211 6.78 -20.46 8.03
C GLU D 211 5.62 -19.75 8.73
N ARG D 212 5.15 -20.32 9.84
CA ARG D 212 3.91 -19.84 10.47
C ARG D 212 4.00 -18.42 11.02
N LEU D 213 3.17 -17.52 10.49
CA LEU D 213 3.01 -16.20 11.11
C LEU D 213 2.19 -16.31 12.37
N LEU D 214 2.76 -15.93 13.51
CA LEU D 214 2.00 -15.97 14.74
C LEU D 214 1.62 -14.58 15.27
N THR D 215 0.32 -14.40 15.45
CA THR D 215 -0.25 -13.21 16.04
C THR D 215 -1.09 -13.62 17.26
N MET D 216 -0.87 -12.96 18.40
CA MET D 216 -1.62 -13.34 19.59
C MET D 216 -3.12 -13.14 19.39
N SER D 217 -3.90 -14.00 20.02
CA SER D 217 -5.33 -13.92 19.87
C SER D 217 -5.83 -12.62 20.47
N CYS D 218 -7.05 -12.25 20.12
CA CYS D 218 -7.63 -11.02 20.63
C CYS D 218 -7.92 -11.13 22.11
N SER D 219 -8.31 -12.32 22.61
CA SER D 219 -8.55 -12.47 24.04
C SER D 219 -7.30 -12.11 24.81
N ASP D 220 -6.19 -12.64 24.33
CA ASP D 220 -4.90 -12.39 24.95
C ASP D 220 -4.52 -10.91 24.78
N LYS D 221 -4.84 -10.33 23.63
CA LYS D 221 -4.49 -8.94 23.39
C LYS D 221 -5.25 -8.02 24.33
N ILE D 222 -6.53 -8.33 24.54
CA ILE D 222 -7.37 -7.48 25.38
C ILE D 222 -6.95 -7.59 26.82
N ALA D 223 -6.59 -8.80 27.24
CA ALA D 223 -6.05 -8.91 28.59
C ALA D 223 -4.87 -7.95 28.72
N ARG D 224 -4.01 -7.97 27.69
CA ARG D 224 -2.84 -7.10 27.67
C ARG D 224 -3.30 -5.65 27.85
N TRP D 225 -4.39 -5.29 27.18
CA TRP D 225 -4.92 -3.93 27.30
C TRP D 225 -5.42 -3.64 28.71
N ASN D 226 -5.83 -4.70 29.40
CA ASN D 226 -6.28 -4.57 30.77
C ASN D 226 -5.14 -4.58 31.77
N VAL D 227 -3.91 -4.66 31.28
CA VAL D 227 -2.75 -4.45 32.16
C VAL D 227 -1.97 -3.20 31.79
N VAL D 228 -1.56 -3.08 30.55
CA VAL D 228 -0.76 -1.94 30.15
C VAL D 228 -1.57 -0.77 29.57
N GLY D 229 -2.89 -0.94 29.50
CA GLY D 229 -3.72 0.15 29.03
C GLY D 229 -3.85 0.13 27.52
N ILE D 230 -4.81 0.88 26.98
CA ILE D 230 -5.09 0.77 25.56
C ILE D 230 -4.28 1.74 24.69
N GLN D 231 -3.55 2.66 25.31
CA GLN D 231 -2.76 3.64 24.55
C GLN D 231 -1.46 3.09 23.94
N GLY D 232 -0.97 1.95 24.43
CA GLY D 232 0.29 1.42 23.93
C GLY D 232 1.53 2.13 24.49
N SER D 233 2.69 1.65 24.09
CA SER D 233 3.96 2.24 24.50
C SER D 233 4.15 3.73 24.13
N LEU D 234 4.07 4.04 22.84
CA LEU D 234 4.53 5.36 22.37
C LEU D 234 3.75 6.47 23.05
N LEU D 235 2.43 6.38 23.03
CA LEU D 235 1.59 7.40 23.66
C LEU D 235 1.76 7.58 25.15
N SER D 236 2.20 6.52 25.83
CA SER D 236 2.35 6.58 27.27
C SER D 236 3.45 7.56 27.67
N ILE D 237 4.24 8.02 26.71
CA ILE D 237 5.31 8.99 26.96
C ILE D 237 4.69 10.38 27.18
N PHE D 238 3.50 10.56 26.62
CA PHE D 238 2.76 11.79 26.83
C PHE D 238 1.73 11.61 27.93
N VAL D 239 0.96 10.53 27.85
CA VAL D 239 -0.22 10.37 28.67
C VAL D 239 -0.09 9.24 29.67
N GLU D 240 -0.98 9.25 30.65
CA GLU D 240 -1.09 8.20 31.64
C GLU D 240 -1.97 7.08 31.09
N PRO D 241 -1.79 5.86 31.60
CA PRO D 241 -2.47 4.65 31.12
C PRO D 241 -3.98 4.78 31.05
N ILE D 242 -4.57 4.40 29.92
CA ILE D 242 -6.01 4.45 29.75
C ILE D 242 -6.53 3.04 29.65
N TYR D 243 -7.58 2.74 30.41
CA TYR D 243 -8.19 1.42 30.34
C TYR D 243 -9.61 1.53 29.87
N PHE D 244 -10.07 0.46 29.25
CA PHE D 244 -11.47 0.30 28.95
C PHE D 244 -12.24 0.13 30.24
N SER D 245 -13.33 0.88 30.36
CA SER D 245 -14.22 0.70 31.48
C SER D 245 -15.23 -0.41 31.17
N SER D 246 -15.47 -0.64 29.88
CA SER D 246 -16.54 -1.57 29.50
C SER D 246 -16.23 -2.40 28.26
N ILE D 247 -16.69 -3.64 28.30
CA ILE D 247 -16.58 -4.55 27.16
C ILE D 247 -17.93 -5.21 26.89
N ILE D 248 -18.49 -4.84 25.75
CA ILE D 248 -19.82 -5.26 25.36
C ILE D 248 -19.74 -6.24 24.22
N LEU D 249 -20.44 -7.36 24.34
CA LEU D 249 -20.45 -8.36 23.29
C LEU D 249 -21.81 -8.52 22.64
N GLY D 250 -21.87 -8.41 21.32
CA GLY D 250 -23.12 -8.56 20.61
C GLY D 250 -23.61 -10.00 20.52
N SER D 251 -22.74 -10.95 20.89
CA SER D 251 -23.06 -12.38 20.79
C SER D 251 -21.99 -13.23 21.48
N LEU D 252 -22.32 -14.50 21.73
CA LEU D 252 -21.39 -15.45 22.37
C LEU D 252 -20.90 -14.94 23.73
N TYR D 253 -21.80 -14.27 24.47
CA TYR D 253 -21.45 -13.73 25.78
C TYR D 253 -21.55 -14.82 26.82
N HIS D 254 -20.46 -15.03 27.56
CA HIS D 254 -20.52 -15.89 28.72
C HIS D 254 -19.70 -15.31 29.86
N GLY D 255 -20.37 -14.94 30.95
CA GLY D 255 -19.71 -14.29 32.05
C GLY D 255 -18.49 -15.03 32.59
N ASP D 256 -18.64 -16.32 32.86
CA ASP D 256 -17.55 -17.11 33.42
C ASP D 256 -16.31 -17.06 32.53
N HIS D 257 -16.53 -17.41 31.26
CA HIS D 257 -15.44 -17.47 30.31
C HIS D 257 -14.86 -16.09 30.07
N LEU D 258 -15.73 -15.11 29.81
CA LEU D 258 -15.24 -13.78 29.48
C LEU D 258 -14.45 -13.14 30.65
N SER D 259 -14.97 -13.21 31.87
CA SER D 259 -14.23 -12.66 33.00
C SER D 259 -12.90 -13.40 33.15
N ARG D 260 -12.92 -14.72 32.92
CA ARG D 260 -11.67 -15.49 32.94
C ARG D 260 -10.63 -14.95 31.97
N ALA D 261 -11.04 -14.73 30.73
CA ALA D 261 -10.09 -14.34 29.68
C ALA D 261 -9.65 -12.90 29.81
N MET D 262 -10.56 -12.02 30.21
CA MET D 262 -10.26 -10.59 30.18
C MET D 262 -9.39 -10.15 31.35
N TYR D 263 -9.38 -10.91 32.44
CA TYR D 263 -8.51 -10.57 33.56
C TYR D 263 -8.25 -11.68 34.55
N GLN D 264 -9.26 -12.49 34.81
CA GLN D 264 -9.21 -13.37 35.96
C GLN D 264 -8.05 -14.37 35.91
N ARG D 265 -7.68 -14.79 34.70
CA ARG D 265 -6.64 -15.80 34.55
C ARG D 265 -5.22 -15.30 34.86
N ILE D 266 -4.99 -14.00 34.81
CA ILE D 266 -3.67 -13.49 35.17
C ILE D 266 -3.77 -12.66 36.44
N SER D 267 -4.68 -13.04 37.33
CA SER D 267 -4.86 -12.30 38.57
C SER D 267 -3.66 -12.44 39.49
N ASN D 268 -2.72 -13.31 39.12
CA ASN D 268 -1.50 -13.48 39.90
C ASN D 268 -0.42 -12.47 39.52
N ILE D 269 -0.80 -11.38 38.85
CA ILE D 269 0.18 -10.41 38.41
C ILE D 269 0.66 -9.53 39.58
N GLU D 270 1.95 -9.25 39.58
CA GLU D 270 2.53 -8.50 40.68
C GLU D 270 3.58 -7.50 40.25
N ASP D 271 3.77 -6.52 41.13
CA ASP D 271 4.76 -5.46 40.93
C ASP D 271 4.46 -4.56 39.74
N LEU D 272 3.19 -4.31 39.46
CA LEU D 272 2.86 -3.36 38.40
C LEU D 272 3.29 -1.98 38.85
N PRO D 273 3.85 -1.18 37.92
CA PRO D 273 4.39 0.14 38.25
C PRO D 273 3.29 1.10 38.66
N PRO D 274 3.66 2.25 39.22
CA PRO D 274 2.68 3.28 39.55
C PRO D 274 1.71 3.56 38.39
N LEU D 275 0.43 3.69 38.74
CA LEU D 275 -0.68 3.96 37.83
C LEU D 275 -1.14 2.71 37.06
N TYR D 276 -0.34 1.65 37.03
CA TYR D 276 -0.76 0.43 36.32
C TYR D 276 -1.51 -0.54 37.26
N THR D 277 -2.49 -1.24 36.71
CA THR D 277 -3.29 -2.17 37.47
C THR D 277 -3.97 -3.19 36.58
N LEU D 278 -4.46 -4.25 37.19
CA LEU D 278 -5.24 -5.23 36.47
C LEU D 278 -6.69 -4.79 36.39
N ASN D 279 -7.01 -4.09 35.30
CA ASN D 279 -8.34 -3.53 35.10
C ASN D 279 -9.38 -4.59 34.80
N LYS D 280 -10.42 -4.59 35.60
CA LYS D 280 -11.50 -5.50 35.41
C LYS D 280 -12.70 -4.63 35.04
N PRO D 281 -12.97 -4.50 33.74
CA PRO D 281 -14.04 -3.65 33.25
C PRO D 281 -15.40 -4.27 33.42
N LEU D 282 -16.43 -3.46 33.16
CA LEU D 282 -17.77 -3.98 33.05
C LEU D 282 -17.79 -4.98 31.92
N LEU D 283 -18.34 -6.15 32.18
CA LEU D 283 -18.58 -7.07 31.09
C LEU D 283 -20.07 -7.21 30.87
N SER D 284 -20.50 -7.23 29.61
CA SER D 284 -21.93 -7.42 29.36
C SER D 284 -22.24 -7.79 27.91
N GLY D 285 -23.24 -8.64 27.71
CA GLY D 285 -23.83 -8.85 26.41
C GLY D 285 -24.98 -7.89 26.17
N ILE D 286 -25.65 -7.99 25.02
CA ILE D 286 -26.76 -7.11 24.74
C ILE D 286 -28.09 -7.86 24.71
N SER D 287 -29.19 -7.13 24.82
CA SER D 287 -30.51 -7.70 25.00
C SER D 287 -30.90 -8.54 23.81
N ASN D 288 -30.65 -8.01 22.62
CA ASN D 288 -31.01 -8.75 21.44
C ASN D 288 -29.76 -9.13 20.65
N ALA D 289 -29.24 -10.29 21.04
CA ALA D 289 -27.98 -10.82 20.54
C ALA D 289 -28.07 -11.23 19.08
N GLU D 290 -26.98 -11.03 18.34
CA GLU D 290 -26.92 -11.42 16.92
C GLU D 290 -26.95 -12.95 16.78
N ALA D 291 -27.54 -13.44 15.69
CA ALA D 291 -27.45 -14.87 15.41
C ALA D 291 -26.17 -15.20 14.62
N ARG D 292 -25.63 -16.40 14.83
CA ARG D 292 -24.51 -16.87 14.01
C ARG D 292 -24.91 -16.96 12.54
N GLN D 293 -24.17 -16.30 11.64
CA GLN D 293 -24.43 -16.47 10.18
C GLN D 293 -23.37 -17.34 9.54
N PRO D 294 -23.65 -18.61 9.33
CA PRO D 294 -22.58 -19.41 8.71
C PRO D 294 -22.41 -19.07 7.22
N GLY D 295 -21.17 -18.87 6.81
CA GLY D 295 -20.87 -18.44 5.46
C GLY D 295 -19.57 -17.66 5.35
N LYS D 296 -19.22 -17.23 4.14
CA LYS D 296 -17.94 -16.55 3.90
C LYS D 296 -17.70 -15.21 4.60
N ALA D 297 -16.56 -15.14 5.27
CA ALA D 297 -16.12 -13.92 5.94
C ALA D 297 -15.40 -13.01 4.96
N PRO D 298 -15.84 -11.75 4.84
CA PRO D 298 -15.23 -10.81 3.89
C PRO D 298 -13.73 -10.67 4.12
N ASN D 299 -12.98 -10.53 3.02
CA ASN D 299 -11.53 -10.51 3.09
C ASN D 299 -10.99 -9.16 3.48
N PHE D 300 -11.87 -8.18 3.66
CA PHE D 300 -11.42 -6.83 3.99
C PHE D 300 -11.70 -6.40 5.42
N SER D 301 -11.10 -5.28 5.79
CA SER D 301 -11.29 -4.70 7.11
C SER D 301 -11.54 -3.20 6.98
N VAL D 302 -12.64 -2.74 7.56
CA VAL D 302 -13.06 -1.35 7.43
C VAL D 302 -12.70 -0.60 8.70
N ASN D 303 -12.21 0.63 8.58
CA ASN D 303 -11.95 1.42 9.78
C ASN D 303 -12.30 2.91 9.65
N TRP D 304 -12.77 3.48 10.76
CA TRP D 304 -13.13 4.89 10.81
C TRP D 304 -12.86 5.45 12.18
N THR D 305 -12.30 6.65 12.21
CA THR D 305 -12.11 7.40 13.43
C THR D 305 -12.94 8.67 13.28
N VAL D 306 -13.65 9.06 14.33
CA VAL D 306 -14.44 10.28 14.27
C VAL D 306 -13.53 11.44 13.87
N GLY D 307 -14.06 12.31 13.02
CA GLY D 307 -13.29 13.36 12.40
C GLY D 307 -13.13 13.06 10.93
N ASP D 308 -12.95 11.78 10.62
CA ASP D 308 -12.76 11.31 9.24
C ASP D 308 -14.01 11.58 8.43
N SER D 309 -13.86 11.70 7.12
CA SER D 309 -14.99 11.82 6.21
C SER D 309 -15.59 10.46 5.91
N ALA D 310 -14.76 9.60 5.34
CA ALA D 310 -15.17 8.28 4.91
C ALA D 310 -14.47 7.23 5.71
N ILE D 311 -14.89 6.01 5.47
CA ILE D 311 -14.20 4.87 6.04
C ILE D 311 -12.96 4.57 5.19
N GLU D 312 -12.09 3.72 5.72
CA GLU D 312 -10.92 3.26 4.99
C GLU D 312 -11.05 1.74 4.86
N VAL D 313 -10.76 1.21 3.67
CA VAL D 313 -10.91 -0.23 3.41
C VAL D 313 -9.59 -0.92 3.11
N ILE D 314 -9.21 -1.86 3.98
CA ILE D 314 -7.90 -2.51 3.91
C ILE D 314 -8.01 -4.00 3.61
N ASN D 315 -7.16 -4.47 2.71
CA ASN D 315 -6.99 -5.88 2.38
C ASN D 315 -6.27 -6.57 3.54
N ALA D 316 -6.99 -7.37 4.31
CA ALA D 316 -6.45 -7.95 5.53
C ALA D 316 -5.17 -8.76 5.31
N THR D 317 -5.12 -9.44 4.17
CA THR D 317 -4.03 -10.33 3.81
C THR D 317 -2.73 -9.60 3.60
N THR D 318 -2.82 -8.40 3.04
CA THR D 318 -1.64 -7.67 2.64
C THR D 318 -1.41 -6.56 3.64
N GLY D 319 -2.45 -6.24 4.40
CA GLY D 319 -2.34 -5.25 5.45
C GLY D 319 -2.40 -3.84 4.89
N LYS D 320 -2.55 -3.72 3.57
CA LYS D 320 -2.68 -2.42 2.90
C LYS D 320 -4.00 -2.36 2.16
N ASP D 321 -4.32 -1.24 1.51
CA ASP D 321 -5.59 -1.22 0.75
C ASP D 321 -5.49 -1.94 -0.62
N GLU D 322 -6.61 -2.02 -1.32
CA GLU D 322 -6.65 -2.76 -2.58
C GLU D 322 -5.69 -2.12 -3.57
N LEU D 323 -5.39 -0.83 -3.42
CA LEU D 323 -4.37 -0.24 -4.29
C LEU D 323 -2.98 -0.20 -3.66
N GLY D 324 -2.80 -0.91 -2.56
CA GLY D 324 -1.47 -1.09 -2.00
C GLY D 324 -0.90 0.09 -1.25
N ARG D 325 -1.76 1.06 -0.95
CA ARG D 325 -1.38 2.25 -0.19
C ARG D 325 -1.48 1.94 1.30
N ALA D 326 -0.53 2.45 2.08
CA ALA D 326 -0.49 2.16 3.51
C ALA D 326 -1.69 2.78 4.19
N SER D 327 -2.12 2.17 5.28
CA SER D 327 -3.26 2.69 6.02
C SER D 327 -2.87 3.78 6.98
N ARG D 328 -3.86 4.57 7.35
CA ARG D 328 -3.71 5.60 8.37
C ARG D 328 -3.48 4.99 9.74
N LEU D 329 -3.50 3.66 9.82
CA LEU D 329 -3.37 2.98 11.10
C LEU D 329 -2.08 2.24 11.29
N CYS D 330 -1.28 2.13 10.23
CA CYS D 330 -0.06 1.31 10.34
C CYS D 330 0.98 2.02 11.18
N LYS D 331 1.98 1.26 11.63
CA LYS D 331 3.02 1.77 12.50
C LYS D 331 3.58 3.11 11.99
N HIS D 332 3.82 3.20 10.69
CA HIS D 332 4.47 4.37 10.09
C HIS D 332 3.62 5.61 10.28
N ALA D 333 2.32 5.41 10.12
CA ALA D 333 1.35 6.48 10.24
C ALA D 333 1.27 6.97 11.69
N LEU D 334 1.19 6.04 12.61
CA LEU D 334 1.08 6.41 14.02
C LEU D 334 2.37 7.10 14.48
N TYR D 335 3.51 6.63 13.98
CA TYR D 335 4.77 7.27 14.30
C TYR D 335 4.74 8.68 13.77
N CYS D 336 4.14 8.86 12.60
CA CYS D 336 4.04 10.20 12.00
C CYS D 336 3.26 11.14 12.93
N ARG D 337 2.07 10.70 13.33
CA ARG D 337 1.23 11.48 14.25
C ARG D 337 1.95 11.84 15.54
N TRP D 338 2.62 10.82 16.09
CA TRP D 338 3.40 10.90 17.32
C TRP D 338 4.57 11.90 17.24
N MET D 339 5.32 11.83 16.15
CA MET D 339 6.45 12.69 15.94
C MET D 339 5.93 14.11 15.88
N ARG D 340 4.80 14.30 15.20
CA ARG D 340 4.18 15.62 15.11
C ARG D 340 3.84 16.16 16.50
N VAL D 341 3.22 15.31 17.31
CA VAL D 341 2.85 15.70 18.66
C VAL D 341 4.08 16.00 19.52
N HIS D 342 5.08 15.16 19.39
CA HIS D 342 6.32 15.29 20.13
C HIS D 342 6.94 16.64 19.83
N GLY D 343 6.80 17.08 18.59
CA GLY D 343 7.33 18.37 18.23
C GLY D 343 6.51 19.48 18.86
N LYS D 344 5.19 19.32 18.91
CA LYS D 344 4.39 20.40 19.48
C LYS D 344 4.42 20.42 21.02
N VAL D 345 5.10 19.45 21.65
CA VAL D 345 5.15 19.35 23.11
C VAL D 345 6.49 19.71 23.74
N PRO D 346 6.46 20.67 24.68
CA PRO D 346 7.59 21.13 25.51
C PRO D 346 8.20 20.00 26.35
N SER D 347 9.53 19.97 26.43
CA SER D 347 10.25 18.81 26.96
C SER D 347 10.13 18.61 28.46
N HIS D 348 9.69 19.65 29.16
CA HIS D 348 9.49 19.52 30.61
C HIS D 348 8.15 18.86 30.89
N LEU D 349 7.41 18.58 29.83
CA LEU D 349 6.05 18.09 29.96
C LEU D 349 5.95 16.63 29.56
N LEU D 350 7.10 16.03 29.27
CA LEU D 350 7.12 14.63 28.87
C LEU D 350 7.08 13.76 30.10
N ARG D 351 6.45 12.61 29.98
CA ARG D 351 6.40 11.64 31.09
C ARG D 351 7.72 10.88 31.22
N SER D 352 8.45 10.72 30.12
CA SER D 352 9.78 10.13 30.17
C SER D 352 10.69 10.98 29.29
N LYS D 353 11.92 10.55 29.04
CA LYS D 353 12.88 11.41 28.34
C LYS D 353 13.18 11.04 26.87
N ILE D 354 13.11 12.03 25.98
CA ILE D 354 13.46 11.81 24.57
C ILE D 354 14.98 11.71 24.49
N THR D 355 15.43 10.51 24.81
CA THR D 355 16.85 10.17 24.87
C THR D 355 17.29 9.40 23.66
N LYS D 356 16.59 8.29 23.46
CA LYS D 356 16.89 7.29 22.42
C LYS D 356 16.72 7.85 21.00
N PRO D 357 17.31 7.15 20.01
CA PRO D 357 17.23 7.56 18.59
C PRO D 357 15.83 7.59 18.02
N ASN D 358 15.73 8.14 16.80
CA ASN D 358 14.44 8.32 16.17
C ASN D 358 14.19 7.20 15.18
N VAL D 359 14.29 5.98 15.72
CA VAL D 359 13.81 4.77 15.07
C VAL D 359 12.67 4.24 15.94
N TYR D 360 11.72 3.55 15.32
CA TYR D 360 10.48 3.13 15.98
C TYR D 360 10.71 2.34 17.28
N HIS D 361 11.48 1.26 17.19
CA HIS D 361 11.66 0.37 18.34
C HIS D 361 12.30 1.10 19.52
N GLU D 362 13.37 1.83 19.23
CA GLU D 362 14.09 2.56 20.27
C GLU D 362 13.17 3.57 20.95
N SER D 363 12.36 4.26 20.16
CA SER D 363 11.39 5.19 20.70
C SER D 363 10.32 4.48 21.57
N LYS D 364 10.01 3.23 21.23
CA LYS D 364 9.18 2.41 22.13
C LYS D 364 9.87 2.09 23.46
N LEU D 365 11.19 1.86 23.44
CA LEU D 365 11.93 1.55 24.67
C LEU D 365 12.03 2.74 25.65
N ALA D 366 11.80 3.95 25.14
CA ALA D 366 11.78 5.14 25.99
C ALA D 366 10.62 5.09 27.00
N ALA D 367 9.61 4.26 26.70
CA ALA D 367 8.51 4.02 27.62
C ALA D 367 8.87 2.96 28.65
N LYS D 368 9.79 3.28 29.55
CA LYS D 368 10.35 2.33 30.51
C LYS D 368 9.30 1.62 31.38
N GLU D 369 8.34 2.39 31.89
CA GLU D 369 7.28 1.88 32.76
C GLU D 369 6.29 0.96 32.04
N TYR D 370 5.78 1.39 30.88
CA TYR D 370 4.93 0.55 30.07
C TYR D 370 5.67 -0.77 29.79
N GLN D 371 6.93 -0.65 29.36
CA GLN D 371 7.77 -1.81 29.15
C GLN D 371 7.79 -2.73 30.39
N ALA D 372 7.94 -2.12 31.56
CA ALA D 372 8.03 -2.91 32.79
C ALA D 372 6.74 -3.67 33.06
N ALA D 373 5.62 -2.97 32.87
CA ALA D 373 4.30 -3.57 33.02
C ALA D 373 4.17 -4.78 32.11
N LYS D 374 4.60 -4.57 30.86
CA LYS D 374 4.61 -5.61 29.83
C LYS D 374 5.33 -6.86 30.36
N ALA D 375 6.51 -6.66 30.94
CA ALA D 375 7.28 -7.79 31.45
C ALA D 375 6.54 -8.53 32.58
N ARG D 376 5.96 -7.76 33.50
CA ARG D 376 5.14 -8.34 34.58
C ARG D 376 3.99 -9.16 34.00
N LEU D 377 3.40 -8.68 32.91
CA LEU D 377 2.33 -9.37 32.22
C LEU D 377 2.77 -10.73 31.66
N PHE D 378 3.83 -10.69 30.86
CA PHE D 378 4.37 -11.88 30.23
C PHE D 378 4.68 -12.93 31.29
N THR D 379 5.31 -12.46 32.36
CA THR D 379 5.67 -13.31 33.47
C THR D 379 4.42 -13.88 34.12
N ALA D 380 3.39 -13.04 34.24
CA ALA D 380 2.11 -13.47 34.81
C ALA D 380 1.52 -14.67 34.07
N PHE D 381 1.47 -14.59 32.74
CA PHE D 381 1.00 -15.71 31.90
C PHE D 381 1.85 -16.96 32.08
N ILE D 382 3.17 -16.80 32.15
CA ILE D 382 4.04 -17.97 32.28
C ILE D 382 3.82 -18.70 33.62
N LYS D 383 3.87 -17.96 34.71
CA LYS D 383 3.73 -18.53 36.04
C LYS D 383 2.31 -19.06 36.27
N ALA D 384 1.35 -18.54 35.52
CA ALA D 384 -0.02 -19.03 35.58
C ALA D 384 -0.20 -20.29 34.79
N GLY D 385 0.88 -20.80 34.20
CA GLY D 385 0.84 -22.00 33.39
C GLY D 385 0.01 -21.85 32.12
N LEU D 386 0.03 -20.63 31.57
CA LEU D 386 -0.84 -20.32 30.43
C LEU D 386 -0.10 -20.09 29.12
N GLY D 387 1.19 -20.35 29.09
CA GLY D 387 2.00 -20.20 27.89
C GLY D 387 2.79 -18.90 27.85
N ALA D 388 3.78 -18.84 26.98
CA ALA D 388 4.57 -17.63 26.82
C ALA D 388 4.09 -16.82 25.62
N TRP D 389 4.04 -15.51 25.79
CA TRP D 389 3.66 -14.58 24.73
C TRP D 389 4.63 -14.66 23.55
N VAL D 390 4.13 -14.35 22.36
CA VAL D 390 4.91 -14.38 21.14
C VAL D 390 5.05 -12.99 20.57
N GLU D 391 6.28 -12.51 20.43
CA GLU D 391 6.48 -11.19 19.84
C GLU D 391 7.00 -11.34 18.42
N LYS D 392 6.76 -10.31 17.60
CA LYS D 392 7.32 -10.28 16.26
C LYS D 392 8.85 -10.22 16.36
N PRO D 393 9.55 -10.74 15.33
CA PRO D 393 11.00 -10.59 15.20
C PRO D 393 11.39 -9.11 15.30
N THR D 394 12.58 -8.80 15.79
CA THR D 394 12.93 -7.42 16.10
C THR D 394 13.00 -6.46 14.89
N GLU D 395 13.25 -7.02 13.71
CA GLU D 395 13.38 -6.25 12.47
C GLU D 395 12.10 -5.50 12.13
N GLN D 396 10.98 -6.03 12.61
CA GLN D 396 9.68 -5.42 12.35
C GLN D 396 9.70 -3.95 12.80
N ASP D 397 10.39 -3.64 13.89
CA ASP D 397 10.24 -2.29 14.42
C ASP D 397 11.44 -1.37 14.19
N GLN D 398 12.38 -1.79 13.35
CA GLN D 398 13.54 -0.96 12.99
C GLN D 398 13.32 -0.11 11.73
N PHE D 399 12.70 1.05 11.83
CA PHE D 399 12.58 1.95 10.68
C PHE D 399 12.53 3.43 11.10
N SER D 400 12.77 4.34 10.15
CA SER D 400 12.61 5.78 10.42
C SER D 400 11.61 6.44 9.49
N LEU D 401 11.32 7.70 9.76
CA LEU D 401 10.40 8.49 8.94
C LEU D 401 11.04 9.36 7.84
N THR D 402 10.19 10.18 7.22
CA THR D 402 10.51 11.02 6.05
C THR D 402 11.46 10.31 5.09
#